data_1OT2
#
_entry.id   1OT2
#
_cell.length_a   116.909
_cell.length_b   109.694
_cell.length_c   67.813
_cell.angle_alpha   90.00
_cell.angle_beta   90.00
_cell.angle_gamma   90.00
#
_symmetry.space_group_name_H-M   'P 21 21 21'
#
loop_
_entity.id
_entity.type
_entity.pdbx_description
1 polymer 'Cyclomaltodextrin glucanotransferase'
2 branched alpha-D-glucopyranose-(1-4)-alpha-D-glucopyranose-(1-4)-alpha-D-glucopyranose-(1-4)-alpha-D-glucopyranose-(1-4)-alpha-D-glucopyranose-(1-4)-alpha-D-glucopyranose-(1-4)-beta-D-glucopyranose
3 branched alpha-D-glucopyranose-(1-4)-alpha-D-glucopyranose-(1-4)-alpha-D-glucopyranose-(1-4)-beta-D-glucopyranose
4 branched alpha-D-glucopyranose-(1-4)-alpha-D-glucopyranose
5 non-polymer 'CALCIUM ION'
6 non-polymer alpha-D-glucopyranose
7 non-polymer (4S)-2-METHYL-2,4-PENTANEDIOL
8 non-polymer 'ACETIC ACID'
9 non-polymer '4-(2-HYDROXYETHYL)-1-PIPERAZINE ETHANESULFONIC ACID'
10 water water
#
_entity_poly.entity_id   1
_entity_poly.type   'polypeptide(L)'
_entity_poly.pdbx_seq_one_letter_code
;APDTSVSNKQNFSTDVIYQIFTDRFSDGNPANNPTGAAFDGTCTNLRLYCGGDWQGIINKINDGYLTGMGVTAIWISQPV
ENIYSIINYSGVNNTAYHGYWARDFKKTNPAYGTIADFQNLIAAAHAKNIKVIINFAPNHTSPASSDQPSFAENGRLYDN
GTLLGGYTNDTQNLFHHNGGTDFSTTENGIYKNLYDLADLNHNNSTVDVYLKDAIKMWLDLGIDGIRMDAVKHMPFGWQK
SFMAAVNNYKPVFTFGEWFLGVNEVSPENHKFANESGMSLLDFRFAQKVRQVFRDNTDNMYGLKAMLEGSAADYAQVDDQ
VTFIDNHDMERFHASNANRRKLEQALAFTLTSRGVPAIYYGTEQYMSGGTDPDNRARIPSFSTSTTAYQVIQKLAPLRKS
NPAIAYGSTQERWINNDVLIYERKFGSNVAVVAVNRNLNAPASISGLVTSLPQGSYNDVLGGLLNGNTLSVGSGGAASNF
TLAAGGTAVWQYTAATATPTIGHVGPMMAKPGVTITIDGRGFGSSKGTVYFGTTAVSGADITSWEDTQIKVKIPAVAGGN
YNIKVANAAGTASNVYDNFEVLSGDQVSVRFVVNNATTALGQNVYLTGSVSELGNWDPAKAIGPMYNQVVYQYPNWYYDV
SVPAGKTIEFKFLKKQGSTVTWEGGSNHTFTAPSSGTATINVNWQP
;
_entity_poly.pdbx_strand_id   A
#
# COMPACT_ATOMS: atom_id res chain seq x y z
N ALA A 1 -13.52 -20.36 -3.94
CA ALA A 1 -12.33 -20.12 -4.75
C ALA A 1 -11.08 -20.12 -3.89
N PRO A 2 -9.93 -20.53 -4.44
CA PRO A 2 -8.69 -20.54 -3.66
C PRO A 2 -8.11 -19.16 -3.40
N ASP A 3 -7.25 -19.07 -2.39
CA ASP A 3 -6.64 -17.80 -2.00
C ASP A 3 -5.87 -17.13 -3.15
N THR A 4 -5.40 -17.94 -4.09
CA THR A 4 -4.62 -17.44 -5.22
C THR A 4 -5.46 -16.96 -6.42
N SER A 5 -6.77 -17.11 -6.34
CA SER A 5 -7.66 -16.69 -7.42
C SER A 5 -7.58 -15.20 -7.72
N VAL A 6 -7.80 -14.84 -8.98
CA VAL A 6 -7.78 -13.45 -9.40
C VAL A 6 -8.93 -12.69 -8.75
N SER A 7 -9.97 -13.42 -8.34
CA SER A 7 -11.14 -12.80 -7.72
C SER A 7 -10.91 -12.33 -6.28
N ASN A 8 -9.78 -12.73 -5.70
CA ASN A 8 -9.47 -12.35 -4.31
C ASN A 8 -8.96 -10.90 -4.21
N LYS A 9 -9.87 -9.96 -4.02
CA LYS A 9 -9.52 -8.55 -3.93
C LYS A 9 -8.92 -8.13 -2.59
N GLN A 10 -8.99 -9.00 -1.59
CA GLN A 10 -8.48 -8.66 -0.25
C GLN A 10 -7.04 -9.07 0.05
N ASN A 11 -6.43 -9.83 -0.86
CA ASN A 11 -5.10 -10.38 -0.61
C ASN A 11 -4.22 -10.36 -1.87
N PHE A 12 -3.13 -9.59 -1.84
CA PHE A 12 -2.22 -9.50 -2.97
C PHE A 12 -0.87 -10.13 -2.67
N SER A 13 -0.75 -10.80 -1.53
CA SER A 13 0.51 -11.41 -1.13
C SER A 13 0.97 -12.55 -2.02
N THR A 14 0.05 -13.18 -2.74
CA THR A 14 0.43 -14.27 -3.64
C THR A 14 0.65 -13.71 -5.04
N ASP A 15 0.54 -12.40 -5.18
CA ASP A 15 0.69 -11.73 -6.47
C ASP A 15 2.01 -10.98 -6.66
N VAL A 16 2.26 -10.61 -7.90
CA VAL A 16 3.41 -9.77 -8.25
C VAL A 16 2.82 -8.65 -9.07
N ILE A 17 2.96 -7.42 -8.58
CA ILE A 17 2.42 -6.24 -9.25
C ILE A 17 3.41 -5.65 -10.24
N TYR A 18 2.87 -5.11 -11.33
CA TYR A 18 3.69 -4.44 -12.34
C TYR A 18 3.22 -2.98 -12.32
N GLN A 19 4.11 -2.07 -11.94
CA GLN A 19 3.78 -0.65 -11.84
C GLN A 19 3.74 -0.02 -13.23
N ILE A 20 2.54 0.25 -13.73
CA ILE A 20 2.40 0.84 -15.06
C ILE A 20 2.15 2.34 -15.07
N PHE A 21 3.12 3.09 -15.57
CA PHE A 21 2.96 4.53 -15.71
C PHE A 21 2.31 4.63 -17.09
N THR A 22 0.98 4.59 -17.08
CA THR A 22 0.16 4.55 -18.30
C THR A 22 0.65 5.26 -19.56
N ASP A 23 0.93 6.55 -19.45
CA ASP A 23 1.35 7.33 -20.62
C ASP A 23 2.65 6.84 -21.25
N ARG A 24 3.47 6.15 -20.47
CA ARG A 24 4.79 5.72 -20.94
C ARG A 24 4.91 4.23 -21.22
N PHE A 25 3.80 3.51 -21.18
CA PHE A 25 3.83 2.06 -21.40
C PHE A 25 3.52 1.69 -22.85
N SER A 26 2.29 1.88 -23.29
CA SER A 26 1.93 1.54 -24.66
C SER A 26 0.72 2.30 -25.21
N ASP A 27 0.96 3.05 -26.28
CA ASP A 27 -0.08 3.83 -26.95
C ASP A 27 -0.87 2.91 -27.89
N GLY A 28 -1.94 2.32 -27.38
CA GLY A 28 -2.75 1.41 -28.19
C GLY A 28 -3.83 2.08 -29.02
N ASN A 29 -4.09 3.35 -28.74
CA ASN A 29 -5.12 4.10 -29.47
C ASN A 29 -4.64 5.51 -29.78
N PRO A 30 -3.96 5.70 -30.92
CA PRO A 30 -3.46 7.04 -31.27
C PRO A 30 -4.56 8.09 -31.36
N ALA A 31 -5.80 7.65 -31.53
CA ALA A 31 -6.93 8.56 -31.68
C ALA A 31 -7.25 9.39 -30.43
N ASN A 32 -6.89 8.92 -29.25
CA ASN A 32 -7.17 9.69 -28.05
C ASN A 32 -5.94 10.45 -27.56
N ASN A 33 -4.93 10.55 -28.41
CA ASN A 33 -3.70 11.29 -28.08
C ASN A 33 -3.96 12.78 -27.95
N PRO A 34 -3.43 13.40 -26.88
CA PRO A 34 -3.62 14.85 -26.76
C PRO A 34 -2.90 15.44 -27.97
N THR A 35 -3.26 16.65 -28.38
CA THR A 35 -2.62 17.24 -29.55
C THR A 35 -1.86 18.53 -29.23
N GLY A 36 -1.19 19.05 -30.25
CA GLY A 36 -0.45 20.29 -30.11
C GLY A 36 0.71 20.27 -29.13
N ALA A 37 0.84 21.36 -28.39
CA ALA A 37 1.92 21.54 -27.43
C ALA A 37 1.87 20.60 -26.23
N ALA A 38 0.75 19.91 -26.05
CA ALA A 38 0.60 18.99 -24.93
C ALA A 38 1.08 17.59 -25.29
N PHE A 39 1.54 17.42 -26.52
CA PHE A 39 1.91 16.10 -27.01
C PHE A 39 3.25 16.01 -27.73
N ASP A 40 3.92 14.87 -27.53
CA ASP A 40 5.19 14.58 -28.20
C ASP A 40 5.23 13.08 -28.47
N GLY A 41 4.81 12.69 -29.68
CA GLY A 41 4.78 11.28 -30.04
C GLY A 41 6.09 10.54 -29.95
N THR A 42 7.20 11.28 -29.95
CA THR A 42 8.51 10.64 -29.86
C THR A 42 8.91 10.43 -28.40
N CYS A 43 8.18 11.09 -27.51
CA CYS A 43 8.43 11.00 -26.07
C CYS A 43 9.84 11.44 -25.73
N THR A 44 10.28 12.54 -26.33
CA THR A 44 11.59 13.10 -26.06
C THR A 44 11.41 14.08 -24.90
N ASN A 45 10.32 14.85 -24.96
CA ASN A 45 9.99 15.78 -23.89
C ASN A 45 9.18 14.99 -22.87
N LEU A 46 9.86 14.51 -21.84
CA LEU A 46 9.24 13.69 -20.82
C LEU A 46 8.17 14.34 -19.95
N ARG A 47 7.88 15.62 -20.19
CA ARG A 47 6.88 16.32 -19.41
C ARG A 47 5.55 16.50 -20.16
N LEU A 48 5.51 16.01 -21.39
CA LEU A 48 4.30 16.08 -22.21
C LEU A 48 3.70 14.70 -22.34
N TYR A 49 2.51 14.61 -22.93
CA TYR A 49 1.87 13.31 -23.15
C TYR A 49 2.59 12.60 -24.29
N CYS A 50 2.84 11.30 -24.10
CA CYS A 50 3.52 10.50 -25.10
C CYS A 50 2.53 9.57 -25.80
N GLY A 51 1.35 9.40 -25.21
CA GLY A 51 0.33 8.58 -25.83
C GLY A 51 -0.05 7.28 -25.13
N GLY A 52 0.73 6.83 -24.16
CA GLY A 52 0.38 5.57 -23.48
C GLY A 52 -1.04 5.58 -22.97
N ASP A 53 -1.77 4.49 -23.19
CA ASP A 53 -3.18 4.44 -22.78
C ASP A 53 -3.64 3.06 -22.31
N TRP A 54 -4.93 2.94 -22.01
CA TRP A 54 -5.48 1.67 -21.53
C TRP A 54 -5.60 0.64 -22.63
N GLN A 55 -5.85 1.07 -23.86
CA GLN A 55 -5.92 0.12 -24.97
C GLN A 55 -4.56 -0.55 -25.07
N GLY A 56 -3.51 0.24 -24.86
CA GLY A 56 -2.16 -0.28 -24.92
C GLY A 56 -1.93 -1.35 -23.86
N ILE A 57 -2.42 -1.11 -22.65
CA ILE A 57 -2.27 -2.08 -21.58
C ILE A 57 -3.02 -3.35 -21.94
N ILE A 58 -4.22 -3.20 -22.51
CA ILE A 58 -5.02 -4.32 -22.94
C ILE A 58 -4.24 -5.17 -23.94
N ASN A 59 -3.57 -4.51 -24.88
CA ASN A 59 -2.79 -5.21 -25.89
C ASN A 59 -1.63 -5.99 -25.28
N LYS A 60 -0.92 -5.38 -24.32
CA LYS A 60 0.21 -6.05 -23.69
C LYS A 60 -0.25 -7.18 -22.77
N ILE A 61 -1.52 -7.13 -22.37
CA ILE A 61 -2.09 -8.18 -21.54
C ILE A 61 -2.43 -9.36 -22.46
N ASN A 62 -2.97 -9.05 -23.63
CA ASN A 62 -3.36 -10.08 -24.57
C ASN A 62 -2.22 -10.69 -25.40
N ASP A 63 -1.14 -9.94 -25.63
CA ASP A 63 -0.05 -10.54 -26.40
C ASP A 63 0.98 -11.26 -25.55
N GLY A 64 0.69 -11.40 -24.26
CA GLY A 64 1.56 -12.16 -23.37
C GLY A 64 2.80 -11.54 -22.74
N TYR A 65 3.04 -10.25 -22.94
CA TYR A 65 4.22 -9.64 -22.34
C TYR A 65 4.21 -9.76 -20.82
N LEU A 66 3.08 -9.41 -20.20
CA LEU A 66 2.98 -9.46 -18.75
C LEU A 66 2.80 -10.89 -18.21
N THR A 67 1.89 -11.64 -18.81
CA THR A 67 1.66 -13.01 -18.36
C THR A 67 2.90 -13.89 -18.53
N GLY A 68 3.66 -13.67 -19.59
CA GLY A 68 4.86 -14.45 -19.82
C GLY A 68 5.89 -14.20 -18.74
N MET A 69 5.76 -13.06 -18.07
CA MET A 69 6.67 -12.66 -17.01
C MET A 69 6.21 -13.18 -15.65
N GLY A 70 4.97 -13.66 -15.57
CA GLY A 70 4.45 -14.13 -14.31
C GLY A 70 3.77 -13.03 -13.52
N VAL A 71 3.52 -11.90 -14.18
CA VAL A 71 2.84 -10.77 -13.55
C VAL A 71 1.36 -11.14 -13.36
N THR A 72 0.83 -10.95 -12.16
CA THR A 72 -0.56 -11.30 -11.88
C THR A 72 -1.35 -10.11 -11.37
N ALA A 73 -0.78 -8.92 -11.49
CA ALA A 73 -1.45 -7.70 -11.05
C ALA A 73 -0.74 -6.49 -11.62
N ILE A 74 -1.49 -5.41 -11.81
CA ILE A 74 -0.90 -4.17 -12.31
C ILE A 74 -1.54 -3.01 -11.58
N TRP A 75 -0.80 -1.90 -11.47
CA TRP A 75 -1.43 -0.70 -10.95
C TRP A 75 -1.20 0.34 -12.02
N ILE A 76 -2.12 1.29 -12.13
CA ILE A 76 -2.03 2.29 -13.18
C ILE A 76 -2.12 3.70 -12.64
N SER A 77 -1.72 4.67 -13.47
CA SER A 77 -1.79 6.07 -13.11
C SER A 77 -3.24 6.40 -12.76
N GLN A 78 -3.44 7.40 -11.90
CA GLN A 78 -4.79 7.79 -11.50
C GLN A 78 -5.62 7.91 -12.78
N PRO A 79 -6.74 7.17 -12.85
CA PRO A 79 -7.63 7.15 -14.01
C PRO A 79 -8.57 8.34 -14.18
N VAL A 80 -8.74 9.15 -13.15
CA VAL A 80 -9.69 10.26 -13.21
C VAL A 80 -9.26 11.42 -14.11
N GLU A 81 -10.25 12.15 -14.61
CA GLU A 81 -9.99 13.28 -15.50
C GLU A 81 -9.08 14.33 -14.86
N ASN A 82 -8.02 14.68 -15.57
CA ASN A 82 -7.09 15.70 -15.10
C ASN A 82 -7.29 16.99 -15.89
N ILE A 83 -6.65 18.06 -15.44
CA ILE A 83 -6.75 19.33 -16.15
C ILE A 83 -6.12 19.17 -17.52
N TYR A 84 -6.48 20.05 -18.45
CA TYR A 84 -5.96 19.98 -19.81
C TYR A 84 -4.92 21.05 -20.07
N SER A 85 -4.63 21.84 -19.04
CA SER A 85 -3.66 22.92 -19.14
C SER A 85 -2.25 22.46 -19.47
N ILE A 86 -1.55 23.30 -20.22
CA ILE A 86 -0.15 23.07 -20.54
C ILE A 86 0.53 24.17 -19.73
N ILE A 87 1.08 23.81 -18.58
CA ILE A 87 1.69 24.78 -17.69
C ILE A 87 3.17 24.98 -17.94
N ASN A 88 3.58 26.24 -18.00
CA ASN A 88 4.98 26.58 -18.22
C ASN A 88 5.67 26.85 -16.89
N TYR A 89 6.51 25.90 -16.46
CA TYR A 89 7.24 26.04 -15.22
C TYR A 89 8.69 26.40 -15.52
N SER A 90 8.99 27.68 -15.45
CA SER A 90 10.33 28.20 -15.71
C SER A 90 10.87 27.73 -17.07
N GLY A 91 10.21 28.17 -18.14
CA GLY A 91 10.66 27.85 -19.48
C GLY A 91 10.30 26.49 -20.06
N VAL A 92 9.75 25.59 -19.25
CA VAL A 92 9.40 24.27 -19.75
C VAL A 92 7.92 23.93 -19.57
N ASN A 93 7.29 23.45 -20.64
CA ASN A 93 5.89 23.08 -20.58
C ASN A 93 5.68 21.76 -19.85
N ASN A 94 4.64 21.73 -19.03
CA ASN A 94 4.28 20.55 -18.24
C ASN A 94 2.80 20.23 -18.45
N THR A 95 2.49 18.93 -18.51
CA THR A 95 1.11 18.49 -18.68
C THR A 95 0.75 17.51 -17.56
N ALA A 96 -0.50 17.09 -17.54
CA ALA A 96 -0.98 16.16 -16.53
C ALA A 96 -0.80 14.70 -16.97
N TYR A 97 0.21 14.45 -17.80
CA TYR A 97 0.47 13.10 -18.31
C TYR A 97 0.59 12.08 -17.17
N HIS A 98 0.99 12.55 -15.99
CA HIS A 98 1.20 11.70 -14.84
C HIS A 98 -0.09 11.34 -14.09
N GLY A 99 -1.17 12.04 -14.43
CA GLY A 99 -2.47 11.76 -13.83
C GLY A 99 -2.74 12.30 -12.43
N TYR A 100 -1.81 13.06 -11.86
CA TYR A 100 -1.97 13.59 -10.50
C TYR A 100 -2.69 14.94 -10.38
N TRP A 101 -3.09 15.53 -11.51
CA TRP A 101 -3.79 16.81 -11.49
C TRP A 101 -5.28 16.65 -11.79
N ALA A 102 -6.01 16.07 -10.84
CA ALA A 102 -7.43 15.79 -11.01
C ALA A 102 -8.33 17.01 -11.08
N ARG A 103 -9.41 16.89 -11.84
CA ARG A 103 -10.42 17.94 -11.92
C ARG A 103 -11.81 17.32 -11.73
N ASP A 104 -11.91 16.02 -11.99
CA ASP A 104 -13.19 15.32 -11.83
C ASP A 104 -12.94 13.85 -11.49
N PHE A 105 -13.15 13.48 -10.24
CA PHE A 105 -12.93 12.11 -9.81
C PHE A 105 -14.00 11.10 -10.26
N LYS A 106 -15.02 11.59 -10.96
CA LYS A 106 -16.08 10.71 -11.44
C LYS A 106 -16.07 10.51 -12.96
N LYS A 107 -15.00 10.98 -13.60
CA LYS A 107 -14.81 10.83 -15.04
C LYS A 107 -13.41 10.28 -15.28
N THR A 108 -13.16 9.80 -16.49
CA THR A 108 -11.85 9.28 -16.84
C THR A 108 -11.02 10.35 -17.54
N ASN A 109 -9.71 10.12 -17.59
CA ASN A 109 -8.78 10.98 -18.30
C ASN A 109 -8.94 10.48 -19.73
N PRO A 110 -9.53 11.30 -20.62
CA PRO A 110 -9.74 10.90 -22.02
C PRO A 110 -8.48 10.44 -22.74
N ALA A 111 -7.33 10.96 -22.35
CA ALA A 111 -6.08 10.54 -22.96
C ALA A 111 -5.84 9.05 -22.69
N TYR A 112 -6.21 8.59 -21.50
CA TYR A 112 -6.03 7.17 -21.16
C TYR A 112 -7.15 6.33 -21.78
N GLY A 113 -8.36 6.89 -21.82
CA GLY A 113 -9.49 6.19 -22.40
C GLY A 113 -10.82 6.62 -21.83
N THR A 114 -11.90 6.01 -22.32
CA THR A 114 -13.24 6.29 -21.85
C THR A 114 -13.61 5.29 -20.77
N ILE A 115 -14.81 5.44 -20.20
CA ILE A 115 -15.29 4.51 -19.20
C ILE A 115 -15.34 3.11 -19.82
N ALA A 116 -15.75 3.05 -21.09
CA ALA A 116 -15.84 1.78 -21.79
C ALA A 116 -14.47 1.15 -21.92
N ASP A 117 -13.45 1.96 -22.19
CA ASP A 117 -12.09 1.43 -22.28
C ASP A 117 -11.69 0.86 -20.94
N PHE A 118 -12.05 1.55 -19.87
CA PHE A 118 -11.70 1.09 -18.53
C PHE A 118 -12.35 -0.25 -18.24
N GLN A 119 -13.61 -0.39 -18.63
CA GLN A 119 -14.33 -1.64 -18.44
C GLN A 119 -13.65 -2.75 -19.24
N ASN A 120 -13.21 -2.44 -20.45
CA ASN A 120 -12.51 -3.42 -21.28
C ASN A 120 -11.18 -3.82 -20.64
N LEU A 121 -10.52 -2.87 -19.99
CA LEU A 121 -9.25 -3.15 -19.33
C LEU A 121 -9.47 -4.12 -18.17
N ILE A 122 -10.48 -3.83 -17.35
CA ILE A 122 -10.83 -4.67 -16.22
C ILE A 122 -11.13 -6.09 -16.71
N ALA A 123 -11.89 -6.19 -17.78
CA ALA A 123 -12.28 -7.48 -18.35
C ALA A 123 -11.09 -8.23 -18.92
N ALA A 124 -10.28 -7.55 -19.74
CA ALA A 124 -9.11 -8.19 -20.34
C ALA A 124 -8.15 -8.70 -19.26
N ALA A 125 -7.88 -7.87 -18.26
CA ALA A 125 -6.98 -8.24 -17.18
C ALA A 125 -7.49 -9.47 -16.44
N HIS A 126 -8.73 -9.41 -15.99
CA HIS A 126 -9.32 -10.52 -15.24
C HIS A 126 -9.35 -11.83 -16.05
N ALA A 127 -9.57 -11.72 -17.35
CA ALA A 127 -9.61 -12.91 -18.20
C ALA A 127 -8.24 -13.58 -18.20
N LYS A 128 -7.20 -12.80 -17.90
CA LYS A 128 -5.82 -13.31 -17.86
C LYS A 128 -5.31 -13.44 -16.42
N ASN A 129 -6.23 -13.50 -15.47
CA ASN A 129 -5.90 -13.64 -14.05
C ASN A 129 -5.01 -12.52 -13.51
N ILE A 130 -5.21 -11.32 -14.03
CA ILE A 130 -4.46 -10.16 -13.59
C ILE A 130 -5.40 -9.18 -12.87
N LYS A 131 -5.04 -8.82 -11.64
CA LYS A 131 -5.83 -7.89 -10.86
C LYS A 131 -5.45 -6.46 -11.23
N VAL A 132 -6.38 -5.52 -11.05
CA VAL A 132 -6.10 -4.13 -11.41
C VAL A 132 -6.23 -3.16 -10.23
N ILE A 133 -5.16 -2.43 -9.97
CA ILE A 133 -5.11 -1.44 -8.90
C ILE A 133 -5.06 -0.05 -9.52
N ILE A 134 -5.85 0.88 -9.02
CA ILE A 134 -5.80 2.23 -9.54
C ILE A 134 -5.17 3.17 -8.51
N ASN A 135 -4.45 4.16 -9.02
CA ASN A 135 -3.86 5.18 -8.17
C ASN A 135 -5.05 6.09 -7.89
N PHE A 136 -5.14 6.62 -6.68
CA PHE A 136 -6.23 7.52 -6.30
C PHE A 136 -5.58 8.60 -5.44
N ALA A 137 -5.71 9.86 -5.85
CA ALA A 137 -5.07 10.95 -5.13
C ALA A 137 -6.05 12.01 -4.65
N PRO A 138 -6.79 11.72 -3.57
CA PRO A 138 -7.78 12.63 -2.98
C PRO A 138 -7.20 13.76 -2.13
N ASN A 139 -5.88 13.92 -2.18
CA ASN A 139 -5.23 14.96 -1.40
C ASN A 139 -5.43 16.36 -1.97
N HIS A 140 -5.49 16.45 -3.30
CA HIS A 140 -5.56 17.73 -3.98
C HIS A 140 -6.19 17.59 -5.35
N THR A 141 -6.39 18.72 -6.03
CA THR A 141 -6.89 18.71 -7.39
C THR A 141 -5.71 18.96 -8.31
N SER A 142 -5.39 20.24 -8.54
CA SER A 142 -4.34 20.60 -9.48
C SER A 142 -3.64 21.93 -9.14
N PRO A 143 -2.57 22.27 -9.88
CA PRO A 143 -1.83 23.52 -9.64
C PRO A 143 -2.75 24.75 -9.67
N ALA A 144 -2.54 25.66 -8.74
CA ALA A 144 -3.39 26.84 -8.67
C ALA A 144 -2.76 28.03 -7.97
N SER A 145 -3.36 29.20 -8.21
CA SER A 145 -2.95 30.45 -7.60
C SER A 145 -4.23 31.22 -7.31
N SER A 146 -4.53 31.44 -6.04
CA SER A 146 -5.74 32.15 -5.68
C SER A 146 -5.75 33.59 -6.19
N ASP A 147 -4.59 34.24 -6.20
CA ASP A 147 -4.53 35.62 -6.70
C ASP A 147 -4.56 35.68 -8.23
N GLN A 148 -4.23 34.58 -8.87
CA GLN A 148 -4.21 34.51 -10.33
C GLN A 148 -5.06 33.34 -10.82
N PRO A 149 -6.39 33.54 -10.91
CA PRO A 149 -7.33 32.50 -11.36
C PRO A 149 -7.14 32.03 -12.80
N SER A 150 -6.45 32.83 -13.61
CA SER A 150 -6.22 32.46 -14.99
C SER A 150 -5.12 31.41 -15.12
N PHE A 151 -4.37 31.20 -14.04
CA PHE A 151 -3.29 30.20 -14.04
C PHE A 151 -3.87 28.79 -14.05
N ALA A 152 -3.46 27.99 -15.04
CA ALA A 152 -3.94 26.62 -15.18
C ALA A 152 -5.46 26.60 -15.15
N GLU A 153 -6.03 25.68 -14.39
CA GLU A 153 -7.48 25.61 -14.28
C GLU A 153 -7.94 26.00 -12.87
N ASN A 154 -7.10 26.79 -12.20
CA ASN A 154 -7.40 27.31 -10.86
C ASN A 154 -7.75 26.22 -9.85
N GLY A 155 -7.27 25.00 -10.12
CA GLY A 155 -7.53 23.88 -9.22
C GLY A 155 -9.00 23.53 -9.12
N ARG A 156 -9.78 23.92 -10.11
CA ARG A 156 -11.22 23.67 -10.10
C ARG A 156 -11.58 22.19 -9.94
N LEU A 157 -12.61 21.94 -9.15
CA LEU A 157 -13.09 20.59 -8.89
C LEU A 157 -14.50 20.44 -9.46
N TYR A 158 -14.70 19.42 -10.29
CA TYR A 158 -16.01 19.16 -10.87
C TYR A 158 -16.59 17.84 -10.36
N ASP A 159 -17.92 17.77 -10.32
CA ASP A 159 -18.61 16.56 -9.90
C ASP A 159 -19.37 16.03 -11.11
N ASN A 160 -18.72 15.14 -11.86
CA ASN A 160 -19.28 14.58 -13.07
C ASN A 160 -19.76 15.67 -14.01
N GLY A 161 -18.92 16.69 -14.20
CA GLY A 161 -19.24 17.78 -15.09
C GLY A 161 -19.73 19.04 -14.43
N THR A 162 -20.28 18.91 -13.22
CA THR A 162 -20.81 20.07 -12.49
C THR A 162 -19.73 20.73 -11.65
N LEU A 163 -19.43 21.98 -11.95
CA LEU A 163 -18.42 22.72 -11.20
C LEU A 163 -18.81 22.86 -9.73
N LEU A 164 -17.91 22.49 -8.84
CA LEU A 164 -18.17 22.62 -7.41
C LEU A 164 -17.51 23.89 -6.92
N GLY A 165 -16.28 24.13 -7.38
CA GLY A 165 -15.56 25.33 -6.97
C GLY A 165 -14.10 25.31 -7.38
N GLY A 166 -13.46 26.47 -7.27
CA GLY A 166 -12.05 26.59 -7.61
C GLY A 166 -11.27 27.16 -6.44
N TYR A 167 -9.96 27.33 -6.63
CA TYR A 167 -9.09 27.83 -5.56
C TYR A 167 -9.30 29.32 -5.28
N THR A 168 -9.72 30.07 -6.30
CA THR A 168 -9.99 31.50 -6.15
C THR A 168 -11.45 31.65 -5.74
N ASN A 169 -11.73 32.62 -4.88
CA ASN A 169 -13.09 32.87 -4.42
C ASN A 169 -13.67 31.61 -3.78
N ASP A 170 -12.84 30.90 -3.02
CA ASP A 170 -13.27 29.66 -2.38
C ASP A 170 -14.01 29.91 -1.07
N THR A 171 -15.22 30.46 -1.20
CA THR A 171 -16.03 30.78 -0.04
C THR A 171 -16.56 29.54 0.69
N GLN A 172 -16.67 28.43 -0.02
CA GLN A 172 -17.14 27.18 0.58
C GLN A 172 -16.03 26.51 1.38
N ASN A 173 -14.80 26.96 1.17
CA ASN A 173 -13.64 26.36 1.83
C ASN A 173 -13.49 24.90 1.39
N LEU A 174 -13.55 24.67 0.09
CA LEU A 174 -13.38 23.32 -0.45
C LEU A 174 -11.89 22.97 -0.36
N PHE A 175 -11.05 24.00 -0.28
CA PHE A 175 -9.61 23.80 -0.20
C PHE A 175 -8.99 24.50 0.99
N HIS A 176 -7.71 24.21 1.24
CA HIS A 176 -6.96 24.86 2.31
C HIS A 176 -6.26 26.07 1.72
N HIS A 177 -6.15 27.12 2.52
CA HIS A 177 -5.50 28.35 2.08
C HIS A 177 -4.49 28.75 3.15
N ASN A 178 -3.54 27.84 3.39
CA ASN A 178 -2.53 28.03 4.42
C ASN A 178 -1.11 28.03 3.83
N GLY A 179 -1.00 28.37 2.55
CA GLY A 179 0.31 28.40 1.92
C GLY A 179 0.79 27.00 1.56
N GLY A 180 2.10 26.88 1.29
CA GLY A 180 2.66 25.59 0.93
C GLY A 180 3.45 24.99 2.08
N THR A 181 3.52 23.67 2.12
CA THR A 181 4.24 22.99 3.20
C THR A 181 5.75 23.05 2.99
N ASP A 182 6.49 23.03 4.09
CA ASP A 182 7.94 22.99 4.02
C ASP A 182 8.38 21.63 4.57
N PHE A 183 7.41 20.78 4.85
CA PHE A 183 7.66 19.42 5.34
C PHE A 183 8.32 19.40 6.72
N SER A 184 8.28 20.52 7.43
CA SER A 184 8.91 20.63 8.74
C SER A 184 8.26 19.74 9.80
N THR A 185 6.95 19.58 9.71
CA THR A 185 6.22 18.71 10.65
C THR A 185 5.12 17.99 9.89
N THR A 186 4.66 16.88 10.45
CA THR A 186 3.58 16.12 9.83
C THR A 186 2.35 17.00 9.66
N GLU A 187 1.99 17.74 10.71
CA GLU A 187 0.84 18.64 10.65
C GLU A 187 1.01 19.64 9.52
N ASN A 188 2.22 20.20 9.40
CA ASN A 188 2.53 21.18 8.37
C ASN A 188 2.31 20.58 6.98
N GLY A 189 2.72 19.33 6.80
CA GLY A 189 2.57 18.67 5.52
C GLY A 189 1.15 18.23 5.22
N ILE A 190 0.29 18.25 6.23
CA ILE A 190 -1.10 17.85 6.03
C ILE A 190 -2.04 19.00 5.70
N TYR A 191 -1.93 20.10 6.44
CA TYR A 191 -2.86 21.21 6.22
C TYR A 191 -2.36 22.36 5.34
N LYS A 192 -1.26 22.12 4.63
CA LYS A 192 -0.72 23.09 3.69
C LYS A 192 -0.56 22.38 2.35
N ASN A 193 -0.39 23.15 1.27
CA ASN A 193 -0.29 22.59 -0.08
C ASN A 193 1.01 21.86 -0.40
N LEU A 194 0.91 20.84 -1.24
CA LEU A 194 2.08 20.15 -1.76
C LEU A 194 2.38 20.96 -3.02
N TYR A 195 3.58 21.49 -3.13
CA TYR A 195 3.93 22.30 -4.31
C TYR A 195 2.90 23.43 -4.39
N ASP A 196 2.26 23.57 -5.55
CA ASP A 196 1.23 24.59 -5.76
C ASP A 196 -0.13 23.93 -5.98
N LEU A 197 -0.23 22.66 -5.63
CA LEU A 197 -1.47 21.90 -5.78
C LEU A 197 -2.54 22.31 -4.77
N ALA A 198 -3.74 22.62 -5.28
CA ALA A 198 -4.86 23.03 -4.42
C ALA A 198 -5.20 21.92 -3.45
N ASP A 199 -4.93 22.18 -2.18
CA ASP A 199 -5.15 21.19 -1.14
C ASP A 199 -6.63 21.03 -0.77
N LEU A 200 -7.16 19.83 -0.91
CA LEU A 200 -8.55 19.58 -0.58
C LEU A 200 -8.79 19.59 0.92
N ASN A 201 -9.93 20.15 1.32
CA ASN A 201 -10.32 20.23 2.72
C ASN A 201 -11.33 19.13 3.04
N HIS A 202 -10.84 18.02 3.57
CA HIS A 202 -11.71 16.89 3.87
C HIS A 202 -12.67 17.13 5.03
N ASN A 203 -12.51 18.25 5.72
CA ASN A 203 -13.42 18.60 6.81
C ASN A 203 -14.66 19.26 6.21
N ASN A 204 -14.60 19.60 4.93
CA ASN A 204 -15.75 20.16 4.22
C ASN A 204 -16.64 18.98 3.84
N SER A 205 -17.89 19.00 4.28
CA SER A 205 -18.81 17.89 4.01
C SER A 205 -19.00 17.56 2.54
N THR A 206 -19.01 18.59 1.70
CA THR A 206 -19.17 18.35 0.26
C THR A 206 -18.00 17.52 -0.24
N VAL A 207 -16.78 17.94 0.12
CA VAL A 207 -15.57 17.24 -0.29
C VAL A 207 -15.54 15.80 0.24
N ASP A 208 -15.85 15.64 1.53
CA ASP A 208 -15.86 14.33 2.17
C ASP A 208 -16.80 13.36 1.46
N VAL A 209 -18.06 13.76 1.33
CA VAL A 209 -19.07 12.93 0.69
C VAL A 209 -18.75 12.68 -0.79
N TYR A 210 -18.24 13.72 -1.46
CA TYR A 210 -17.90 13.61 -2.88
C TYR A 210 -16.82 12.55 -3.14
N LEU A 211 -15.73 12.62 -2.38
CA LEU A 211 -14.64 11.66 -2.57
C LEU A 211 -15.05 10.23 -2.25
N LYS A 212 -15.85 10.05 -1.22
CA LYS A 212 -16.31 8.71 -0.88
C LYS A 212 -17.27 8.18 -1.94
N ASP A 213 -18.06 9.06 -2.54
CA ASP A 213 -18.95 8.65 -3.62
C ASP A 213 -18.12 8.30 -4.86
N ALA A 214 -17.05 9.05 -5.08
CA ALA A 214 -16.20 8.82 -6.23
C ALA A 214 -15.53 7.44 -6.18
N ILE A 215 -14.90 7.12 -5.05
CA ILE A 215 -14.24 5.82 -4.94
C ILE A 215 -15.22 4.67 -5.12
N LYS A 216 -16.46 4.86 -4.67
CA LYS A 216 -17.48 3.82 -4.84
C LYS A 216 -17.74 3.55 -6.31
N MET A 217 -17.75 4.61 -7.12
CA MET A 217 -17.96 4.47 -8.56
C MET A 217 -16.88 3.56 -9.16
N TRP A 218 -15.64 3.79 -8.76
CA TRP A 218 -14.53 2.98 -9.27
C TRP A 218 -14.64 1.55 -8.74
N LEU A 219 -15.06 1.41 -7.49
CA LEU A 219 -15.24 0.09 -6.90
C LEU A 219 -16.28 -0.68 -7.72
N ASP A 220 -17.34 0.01 -8.11
CA ASP A 220 -18.40 -0.61 -8.91
C ASP A 220 -17.92 -1.01 -10.29
N LEU A 221 -16.85 -0.36 -10.76
CA LEU A 221 -16.28 -0.68 -12.07
C LEU A 221 -15.42 -1.94 -12.04
N GLY A 222 -15.25 -2.52 -10.85
CA GLY A 222 -14.50 -3.76 -10.73
C GLY A 222 -13.02 -3.72 -10.36
N ILE A 223 -12.52 -2.59 -9.88
CA ILE A 223 -11.11 -2.52 -9.49
C ILE A 223 -10.83 -3.52 -8.37
N ASP A 224 -9.59 -4.01 -8.29
CA ASP A 224 -9.23 -5.00 -7.29
C ASP A 224 -8.41 -4.44 -6.14
N GLY A 225 -7.98 -3.18 -6.28
CA GLY A 225 -7.17 -2.57 -5.24
C GLY A 225 -7.03 -1.08 -5.46
N ILE A 226 -6.52 -0.37 -4.45
CA ILE A 226 -6.33 1.07 -4.52
C ILE A 226 -4.96 1.48 -3.99
N ARG A 227 -4.28 2.33 -4.75
CA ARG A 227 -2.99 2.87 -4.33
C ARG A 227 -3.24 4.33 -3.98
N MET A 228 -3.33 4.61 -2.68
CA MET A 228 -3.58 5.97 -2.19
C MET A 228 -2.34 6.84 -2.24
N ASP A 229 -2.44 7.95 -2.96
CA ASP A 229 -1.34 8.88 -3.12
C ASP A 229 -1.18 9.83 -1.94
N ALA A 230 0.06 10.15 -1.61
CA ALA A 230 0.41 11.09 -0.56
C ALA A 230 -0.39 10.99 0.74
N VAL A 231 -0.42 9.80 1.34
CA VAL A 231 -1.19 9.60 2.56
C VAL A 231 -0.60 10.31 3.79
N LYS A 232 0.67 10.63 3.75
CA LYS A 232 1.28 11.34 4.88
C LYS A 232 0.80 12.79 4.88
N HIS A 233 0.07 13.17 3.83
CA HIS A 233 -0.37 14.54 3.70
C HIS A 233 -1.86 14.78 3.87
N MET A 234 -2.61 13.76 4.27
CA MET A 234 -4.03 13.93 4.52
C MET A 234 -4.30 13.57 5.98
N PRO A 235 -5.37 14.11 6.58
CA PRO A 235 -5.64 13.79 7.98
C PRO A 235 -5.79 12.28 8.13
N PHE A 236 -5.04 11.69 9.06
CA PHE A 236 -5.07 10.25 9.25
C PHE A 236 -6.46 9.76 9.66
N GLY A 237 -7.14 10.55 10.48
CA GLY A 237 -8.47 10.18 10.92
C GLY A 237 -9.45 10.17 9.76
N TRP A 238 -9.32 11.13 8.85
CA TRP A 238 -10.22 11.16 7.70
C TRP A 238 -9.96 9.94 6.81
N GLN A 239 -8.69 9.62 6.62
CA GLN A 239 -8.33 8.48 5.78
C GLN A 239 -8.90 7.19 6.36
N LYS A 240 -8.93 7.08 7.68
CA LYS A 240 -9.51 5.91 8.31
C LYS A 240 -10.99 5.85 7.98
N SER A 241 -11.67 6.99 8.04
CA SER A 241 -13.10 7.03 7.73
C SER A 241 -13.32 6.68 6.26
N PHE A 242 -12.33 7.04 5.43
CA PHE A 242 -12.37 6.73 4.01
C PHE A 242 -12.27 5.21 3.82
N MET A 243 -11.29 4.60 4.49
CA MET A 243 -11.11 3.15 4.39
C MET A 243 -12.32 2.42 4.94
N ALA A 244 -12.99 3.02 5.91
CA ALA A 244 -14.19 2.43 6.49
C ALA A 244 -15.28 2.45 5.43
N ALA A 245 -15.38 3.56 4.71
CA ALA A 245 -16.37 3.70 3.65
C ALA A 245 -16.15 2.61 2.59
N VAL A 246 -14.89 2.43 2.22
CA VAL A 246 -14.52 1.42 1.23
C VAL A 246 -14.84 0.02 1.76
N ASN A 247 -14.31 -0.31 2.93
CA ASN A 247 -14.49 -1.64 3.52
C ASN A 247 -15.93 -1.99 3.87
N ASN A 248 -16.71 -1.00 4.29
CA ASN A 248 -18.09 -1.25 4.65
C ASN A 248 -18.99 -1.28 3.41
N TYR A 249 -18.38 -1.17 2.23
CA TYR A 249 -19.12 -1.23 0.98
C TYR A 249 -18.59 -2.41 0.16
N LYS A 250 -17.43 -2.21 -0.45
CA LYS A 250 -16.77 -3.26 -1.22
C LYS A 250 -15.27 -3.21 -0.91
N PRO A 251 -14.83 -4.00 0.08
CA PRO A 251 -13.41 -4.01 0.46
C PRO A 251 -12.45 -4.51 -0.61
N VAL A 252 -11.41 -3.73 -0.85
CA VAL A 252 -10.36 -4.11 -1.80
C VAL A 252 -9.03 -3.72 -1.17
N PHE A 253 -7.98 -4.48 -1.48
CA PHE A 253 -6.65 -4.24 -0.96
C PHE A 253 -6.26 -2.79 -1.22
N THR A 254 -5.91 -2.08 -0.16
CA THR A 254 -5.53 -0.67 -0.27
C THR A 254 -4.24 -0.37 0.48
N PHE A 255 -3.36 0.40 -0.13
CA PHE A 255 -2.11 0.80 0.50
C PHE A 255 -1.79 2.23 0.06
N GLY A 256 -1.11 2.97 0.92
CA GLY A 256 -0.77 4.35 0.61
C GLY A 256 0.70 4.60 0.39
N GLU A 257 1.04 5.73 -0.22
CA GLU A 257 2.43 6.08 -0.46
C GLU A 257 2.88 7.12 0.55
N TRP A 258 3.81 6.70 1.41
CA TRP A 258 4.36 7.54 2.49
C TRP A 258 5.89 7.42 2.38
N PHE A 259 6.50 8.40 1.73
CA PHE A 259 7.95 8.37 1.52
C PHE A 259 8.78 8.30 2.80
N LEU A 260 9.80 7.45 2.77
CA LEU A 260 10.76 7.35 3.87
C LEU A 260 12.14 7.45 3.21
N GLY A 261 13.03 8.22 3.82
CA GLY A 261 14.36 8.37 3.26
C GLY A 261 15.28 7.27 3.73
N VAL A 262 16.52 7.29 3.25
CA VAL A 262 17.52 6.30 3.65
C VAL A 262 17.68 6.37 5.18
N ASN A 263 17.74 5.21 5.82
CA ASN A 263 17.90 5.13 7.27
C ASN A 263 16.73 5.70 8.07
N GLU A 264 15.64 6.05 7.42
CA GLU A 264 14.50 6.59 8.16
C GLU A 264 13.54 5.49 8.61
N VAL A 265 13.36 5.37 9.92
CA VAL A 265 12.42 4.42 10.50
C VAL A 265 11.43 5.29 11.28
N SER A 266 10.19 5.32 10.82
CA SER A 266 9.18 6.20 11.40
C SER A 266 8.04 5.53 12.18
N PRO A 267 7.96 5.79 13.49
CA PRO A 267 6.91 5.22 14.33
C PRO A 267 5.52 5.65 13.84
N GLU A 268 5.41 6.87 13.33
CA GLU A 268 4.14 7.37 12.81
C GLU A 268 3.73 6.55 11.61
N ASN A 269 4.70 6.26 10.75
CA ASN A 269 4.47 5.46 9.56
C ASN A 269 3.94 4.09 9.99
N HIS A 270 4.58 3.48 10.99
CA HIS A 270 4.17 2.18 11.49
C HIS A 270 2.73 2.21 12.02
N LYS A 271 2.42 3.23 12.80
CA LYS A 271 1.11 3.37 13.40
C LYS A 271 0.04 3.55 12.33
N PHE A 272 0.35 4.32 11.29
CA PHE A 272 -0.60 4.54 10.21
C PHE A 272 -0.96 3.21 9.55
N ALA A 273 0.07 2.45 9.18
CA ALA A 273 -0.12 1.16 8.55
C ALA A 273 -0.87 0.20 9.48
N ASN A 274 -0.61 0.31 10.78
CA ASN A 274 -1.24 -0.59 11.74
C ASN A 274 -2.66 -0.22 12.14
N GLU A 275 -3.04 1.04 11.97
CA GLU A 275 -4.36 1.48 12.42
C GLU A 275 -5.26 2.24 11.45
N SER A 276 -4.76 2.58 10.27
CA SER A 276 -5.55 3.37 9.33
C SER A 276 -6.59 2.59 8.53
N GLY A 277 -6.33 1.31 8.29
CA GLY A 277 -7.26 0.52 7.48
C GLY A 277 -6.65 0.21 6.13
N MET A 278 -5.42 0.69 5.93
CA MET A 278 -4.67 0.43 4.70
C MET A 278 -3.22 0.13 5.08
N SER A 279 -2.49 -0.51 4.19
CA SER A 279 -1.09 -0.78 4.43
C SER A 279 -0.29 0.29 3.68
N LEU A 280 1.00 0.10 3.53
CA LEU A 280 1.82 1.10 2.85
C LEU A 280 2.86 0.55 1.91
N LEU A 281 3.32 1.41 1.01
CA LEU A 281 4.43 1.07 0.13
C LEU A 281 5.60 0.97 1.11
N ASP A 282 6.35 -0.13 1.04
CA ASP A 282 7.44 -0.40 1.96
C ASP A 282 8.74 0.35 1.62
N PHE A 283 8.78 1.66 1.88
CA PHE A 283 9.98 2.44 1.61
C PHE A 283 11.16 2.00 2.48
N ARG A 284 10.87 1.57 3.70
CA ARG A 284 11.92 1.12 4.59
C ARG A 284 12.65 -0.07 3.95
N PHE A 285 11.87 -0.92 3.30
CA PHE A 285 12.41 -2.09 2.59
C PHE A 285 13.17 -1.67 1.34
N ALA A 286 12.54 -0.81 0.54
CA ALA A 286 13.16 -0.34 -0.70
C ALA A 286 14.48 0.40 -0.48
N GLN A 287 14.50 1.34 0.47
CA GLN A 287 15.70 2.11 0.76
C GLN A 287 16.87 1.25 1.25
N LYS A 288 16.58 0.24 2.06
CA LYS A 288 17.65 -0.63 2.57
C LYS A 288 18.18 -1.50 1.44
N VAL A 289 17.28 -1.98 0.59
CA VAL A 289 17.67 -2.80 -0.57
C VAL A 289 18.60 -2.00 -1.48
N ARG A 290 18.32 -0.72 -1.68
CA ARG A 290 19.17 0.12 -2.51
C ARG A 290 20.53 0.31 -1.83
N GLN A 291 20.53 0.53 -0.53
CA GLN A 291 21.79 0.68 0.22
C GLN A 291 22.68 -0.54 0.06
N VAL A 292 22.08 -1.71 0.19
CA VAL A 292 22.82 -2.97 0.15
C VAL A 292 23.19 -3.51 -1.23
N PHE A 293 22.27 -3.40 -2.19
CA PHE A 293 22.52 -3.93 -3.52
C PHE A 293 22.90 -2.89 -4.57
N ARG A 294 22.54 -1.63 -4.35
CA ARG A 294 22.81 -0.59 -5.35
C ARG A 294 23.93 0.39 -5.01
N ASP A 295 23.81 1.06 -3.87
CA ASP A 295 24.74 2.11 -3.51
C ASP A 295 25.84 1.74 -2.54
N ASN A 296 25.85 0.49 -2.09
CA ASN A 296 26.88 0.00 -1.19
C ASN A 296 27.07 0.88 0.04
N THR A 297 25.98 1.25 0.71
CA THR A 297 26.06 2.07 1.91
C THR A 297 25.69 1.31 3.18
N ASP A 298 25.45 0.01 3.03
CA ASP A 298 25.16 -0.86 4.18
C ASP A 298 25.38 -2.28 3.68
N ASN A 299 25.48 -3.23 4.61
CA ASN A 299 25.70 -4.63 4.24
C ASN A 299 24.54 -5.52 4.63
N MET A 300 24.72 -6.83 4.49
CA MET A 300 23.65 -7.78 4.80
C MET A 300 23.13 -7.69 6.23
N TYR A 301 23.97 -7.25 7.16
CA TYR A 301 23.54 -7.11 8.54
C TYR A 301 22.44 -6.06 8.63
N GLY A 302 22.56 -5.01 7.80
CA GLY A 302 21.55 -3.98 7.77
C GLY A 302 20.28 -4.50 7.12
N LEU A 303 20.45 -5.34 6.10
CA LEU A 303 19.31 -5.92 5.40
C LEU A 303 18.53 -6.79 6.40
N LYS A 304 19.26 -7.62 7.15
CA LYS A 304 18.66 -8.48 8.15
C LYS A 304 17.93 -7.66 9.21
N ALA A 305 18.58 -6.59 9.68
CA ALA A 305 17.97 -5.75 10.71
C ALA A 305 16.65 -5.18 10.20
N MET A 306 16.61 -4.78 8.94
CA MET A 306 15.41 -4.23 8.33
C MET A 306 14.30 -5.29 8.29
N LEU A 307 14.66 -6.52 7.94
CA LEU A 307 13.69 -7.61 7.86
C LEU A 307 13.11 -7.95 9.24
N GLU A 308 13.98 -8.03 10.24
CA GLU A 308 13.53 -8.35 11.59
C GLU A 308 12.77 -7.20 12.24
N GLY A 309 13.26 -5.98 12.04
CA GLY A 309 12.60 -4.83 12.61
C GLY A 309 11.23 -4.60 12.00
N SER A 310 11.14 -4.67 10.68
CA SER A 310 9.87 -4.43 10.01
C SER A 310 8.83 -5.50 10.36
N ALA A 311 9.29 -6.75 10.51
CA ALA A 311 8.38 -7.83 10.86
C ALA A 311 7.77 -7.60 12.24
N ALA A 312 8.47 -6.84 13.07
CA ALA A 312 8.00 -6.55 14.41
C ALA A 312 7.22 -5.24 14.51
N ASP A 313 7.61 -4.25 13.70
CA ASP A 313 6.97 -2.94 13.74
C ASP A 313 5.64 -2.87 12.99
N TYR A 314 5.50 -3.66 11.95
CA TYR A 314 4.27 -3.69 11.16
C TYR A 314 3.40 -4.84 11.62
N ALA A 315 2.19 -4.51 12.08
CA ALA A 315 1.24 -5.52 12.53
C ALA A 315 0.98 -6.51 11.40
N GLN A 316 0.83 -6.03 10.16
CA GLN A 316 0.66 -6.93 9.03
C GLN A 316 1.75 -6.64 8.02
N VAL A 317 2.96 -7.14 8.29
CA VAL A 317 4.10 -6.89 7.41
C VAL A 317 3.85 -7.45 6.02
N ASP A 318 3.06 -8.52 5.95
CA ASP A 318 2.77 -9.18 4.68
C ASP A 318 1.87 -8.35 3.76
N ASP A 319 1.35 -7.23 4.27
CA ASP A 319 0.52 -6.35 3.45
C ASP A 319 1.30 -5.15 2.92
N GLN A 320 2.56 -5.01 3.31
CA GLN A 320 3.36 -3.88 2.83
C GLN A 320 3.82 -4.17 1.40
N VAL A 321 3.71 -3.16 0.54
CA VAL A 321 4.06 -3.32 -0.87
C VAL A 321 5.52 -2.98 -1.11
N THR A 322 6.30 -4.01 -1.44
CA THR A 322 7.73 -3.86 -1.66
C THR A 322 8.09 -3.46 -3.08
N PHE A 323 9.29 -2.86 -3.23
CA PHE A 323 9.77 -2.39 -4.52
C PHE A 323 11.24 -1.97 -4.38
N ILE A 324 11.91 -1.74 -5.50
CA ILE A 324 13.30 -1.30 -5.47
C ILE A 324 13.47 0.10 -6.07
N ASP A 325 12.41 0.54 -6.76
CA ASP A 325 12.34 1.90 -7.31
C ASP A 325 10.92 2.16 -7.75
N ASN A 326 10.63 3.40 -8.15
CA ASN A 326 9.29 3.77 -8.58
C ASN A 326 9.30 5.03 -9.42
N HIS A 327 8.12 5.64 -9.58
CA HIS A 327 7.96 6.84 -10.40
C HIS A 327 8.59 8.12 -9.86
N ASP A 328 9.06 8.09 -8.61
CA ASP A 328 9.71 9.26 -8.02
C ASP A 328 11.19 9.08 -7.74
N MET A 329 11.66 7.84 -7.71
CA MET A 329 13.07 7.59 -7.42
C MET A 329 13.88 7.39 -8.70
N GLU A 330 15.19 7.54 -8.59
CA GLU A 330 16.06 7.27 -9.73
C GLU A 330 15.92 5.77 -9.94
N ARG A 331 15.92 5.33 -11.20
CA ARG A 331 15.79 3.91 -11.47
C ARG A 331 16.95 3.15 -10.82
N PHE A 332 16.63 1.97 -10.29
CA PHE A 332 17.62 1.17 -9.60
C PHE A 332 18.87 0.91 -10.43
N HIS A 333 18.69 0.50 -11.69
CA HIS A 333 19.82 0.22 -12.55
C HIS A 333 20.51 1.48 -13.08
N ALA A 334 21.76 1.69 -12.65
CA ALA A 334 22.54 2.84 -13.11
C ALA A 334 23.14 2.48 -14.47
N SER A 335 23.35 3.49 -15.31
CA SER A 335 23.89 3.27 -16.65
C SER A 335 25.13 2.38 -16.70
N ASN A 336 26.10 2.69 -15.85
CA ASN A 336 27.38 1.97 -15.84
C ASN A 336 27.45 0.84 -14.82
N ALA A 337 26.32 0.42 -14.28
CA ALA A 337 26.34 -0.62 -13.25
C ALA A 337 26.22 -2.04 -13.78
N ASN A 338 26.74 -3.00 -12.99
CA ASN A 338 26.64 -4.39 -13.35
C ASN A 338 25.17 -4.77 -13.18
N ARG A 339 24.61 -5.41 -14.20
CA ARG A 339 23.20 -5.81 -14.20
C ARG A 339 22.83 -6.83 -13.13
N ARG A 340 23.82 -7.54 -12.59
CA ARG A 340 23.55 -8.54 -11.56
C ARG A 340 22.98 -7.88 -10.31
N LYS A 341 23.35 -6.63 -10.06
CA LYS A 341 22.86 -5.92 -8.90
C LYS A 341 21.33 -5.79 -8.95
N LEU A 342 20.82 -5.39 -10.11
CA LEU A 342 19.38 -5.26 -10.33
C LEU A 342 18.71 -6.63 -10.25
N GLU A 343 19.34 -7.62 -10.88
CA GLU A 343 18.81 -8.98 -10.90
C GLU A 343 18.70 -9.60 -9.50
N GLN A 344 19.66 -9.32 -8.63
CA GLN A 344 19.60 -9.84 -7.27
C GLN A 344 18.54 -9.10 -6.47
N ALA A 345 18.48 -7.77 -6.61
CA ALA A 345 17.48 -6.99 -5.89
C ALA A 345 16.08 -7.48 -6.27
N LEU A 346 15.92 -7.86 -7.53
CA LEU A 346 14.65 -8.37 -8.04
C LEU A 346 14.34 -9.72 -7.40
N ALA A 347 15.30 -10.63 -7.44
CA ALA A 347 15.13 -11.96 -6.85
C ALA A 347 14.82 -11.87 -5.36
N PHE A 348 15.52 -10.98 -4.67
CA PHE A 348 15.30 -10.77 -3.23
C PHE A 348 13.86 -10.31 -2.97
N THR A 349 13.46 -9.25 -3.67
CA THR A 349 12.12 -8.70 -3.52
C THR A 349 11.02 -9.71 -3.84
N LEU A 350 11.18 -10.43 -4.95
CA LEU A 350 10.20 -11.42 -5.36
C LEU A 350 10.02 -12.58 -4.38
N THR A 351 11.05 -12.87 -3.59
CA THR A 351 10.97 -13.98 -2.64
C THR A 351 10.81 -13.54 -1.18
N SER A 352 10.72 -12.23 -0.95
CA SER A 352 10.58 -11.70 0.39
C SER A 352 9.12 -11.47 0.79
N ARG A 353 8.91 -11.17 2.06
CA ARG A 353 7.56 -10.95 2.58
C ARG A 353 6.94 -9.68 2.02
N GLY A 354 5.62 -9.65 2.00
CA GLY A 354 4.90 -8.49 1.49
C GLY A 354 4.23 -8.72 0.15
N VAL A 355 4.11 -7.62 -0.61
CA VAL A 355 3.51 -7.63 -1.93
C VAL A 355 4.47 -6.91 -2.88
N PRO A 356 5.20 -7.67 -3.73
CA PRO A 356 6.18 -7.14 -4.68
C PRO A 356 5.54 -6.30 -5.81
N ALA A 357 6.17 -5.18 -6.12
CA ALA A 357 5.70 -4.31 -7.19
C ALA A 357 6.89 -3.86 -8.04
N ILE A 358 6.92 -4.31 -9.28
CA ILE A 358 8.01 -4.01 -10.21
C ILE A 358 7.66 -2.80 -11.08
N TYR A 359 8.50 -1.77 -11.02
CA TYR A 359 8.29 -0.56 -11.83
C TYR A 359 8.47 -0.92 -13.31
N TYR A 360 7.54 -0.47 -14.16
CA TYR A 360 7.61 -0.80 -15.58
C TYR A 360 8.97 -0.49 -16.20
N GLY A 361 9.47 -1.40 -17.03
CA GLY A 361 10.73 -1.17 -17.70
C GLY A 361 11.95 -1.67 -16.95
N THR A 362 11.79 -1.97 -15.67
CA THR A 362 12.89 -2.47 -14.86
C THR A 362 13.52 -3.67 -15.56
N GLU A 363 12.66 -4.54 -16.09
CA GLU A 363 13.11 -5.76 -16.74
C GLU A 363 13.79 -5.52 -18.09
N GLN A 364 13.77 -4.27 -18.55
CA GLN A 364 14.43 -3.92 -19.80
C GLN A 364 15.72 -3.14 -19.50
N TYR A 365 16.11 -3.13 -18.23
CA TYR A 365 17.32 -2.45 -17.78
C TYR A 365 17.32 -0.95 -18.07
N MET A 366 16.15 -0.33 -17.93
CA MET A 366 16.05 1.12 -18.14
C MET A 366 16.80 1.86 -17.04
N SER A 367 17.40 2.98 -17.40
CA SER A 367 18.12 3.81 -16.44
C SER A 367 17.53 5.22 -16.50
N GLY A 368 17.71 5.98 -15.43
CA GLY A 368 17.18 7.33 -15.43
C GLY A 368 17.20 7.98 -14.07
N GLY A 369 17.42 9.29 -14.05
CA GLY A 369 17.46 10.01 -12.80
C GLY A 369 16.07 10.27 -12.27
N THR A 370 15.93 11.29 -11.43
CA THR A 370 14.65 11.63 -10.84
C THR A 370 13.66 12.22 -11.86
N ASP A 371 12.39 12.30 -11.44
CA ASP A 371 11.30 12.84 -12.24
C ASP A 371 11.78 14.02 -13.09
N PRO A 372 11.53 13.99 -14.41
CA PRO A 372 10.81 12.96 -15.18
C PRO A 372 11.71 11.93 -15.88
N ASP A 373 13.01 11.99 -15.64
CA ASP A 373 13.94 11.10 -16.33
C ASP A 373 13.75 9.60 -16.04
N ASN A 374 13.00 9.30 -15.00
CA ASN A 374 12.71 7.91 -14.65
C ASN A 374 11.39 7.48 -15.27
N ARG A 375 10.85 8.33 -16.13
CA ARG A 375 9.55 8.05 -16.76
C ARG A 375 9.62 7.98 -18.28
N ALA A 376 10.71 7.48 -18.81
CA ALA A 376 10.87 7.35 -20.26
C ALA A 376 9.95 6.26 -20.80
N ARG A 377 9.67 6.32 -22.10
CA ARG A 377 8.83 5.29 -22.72
C ARG A 377 9.60 3.98 -22.67
N ILE A 378 8.91 2.89 -22.32
CA ILE A 378 9.59 1.60 -22.25
C ILE A 378 10.20 1.35 -23.64
N PRO A 379 11.52 1.12 -23.69
CA PRO A 379 12.27 0.89 -24.93
C PRO A 379 12.01 -0.39 -25.72
N SER A 380 11.47 -1.41 -25.07
CA SER A 380 11.22 -2.67 -25.77
C SER A 380 10.38 -3.62 -24.94
N PHE A 381 9.86 -4.65 -25.61
CA PHE A 381 9.05 -5.67 -24.96
C PHE A 381 9.69 -7.04 -25.17
N SER A 382 10.99 -7.10 -24.89
CA SER A 382 11.74 -8.34 -25.03
C SER A 382 11.58 -9.27 -23.83
N THR A 383 11.38 -10.55 -24.09
CA THR A 383 11.25 -11.55 -23.03
C THR A 383 12.61 -12.22 -22.87
N SER A 384 13.60 -11.74 -23.62
CA SER A 384 14.92 -12.35 -23.61
C SER A 384 15.94 -11.80 -22.63
N THR A 385 15.60 -10.75 -21.89
CA THR A 385 16.53 -10.20 -20.91
C THR A 385 16.63 -11.15 -19.72
N THR A 386 17.76 -11.12 -19.03
CA THR A 386 17.94 -11.96 -17.85
C THR A 386 16.95 -11.56 -16.76
N ALA A 387 16.73 -10.26 -16.61
CA ALA A 387 15.80 -9.75 -15.62
C ALA A 387 14.38 -10.27 -15.87
N TYR A 388 13.98 -10.29 -17.13
CA TYR A 388 12.65 -10.79 -17.48
C TYR A 388 12.52 -12.23 -17.04
N GLN A 389 13.55 -13.04 -17.29
CA GLN A 389 13.53 -14.45 -16.92
C GLN A 389 13.55 -14.67 -15.41
N VAL A 390 14.22 -13.79 -14.68
CA VAL A 390 14.26 -13.89 -13.23
C VAL A 390 12.84 -13.76 -12.68
N ILE A 391 12.11 -12.77 -13.17
CA ILE A 391 10.74 -12.53 -12.73
C ILE A 391 9.86 -13.71 -13.13
N GLN A 392 10.07 -14.18 -14.35
CA GLN A 392 9.34 -15.32 -14.90
C GLN A 392 9.48 -16.58 -14.04
N LYS A 393 10.67 -16.81 -13.53
CA LYS A 393 10.92 -18.00 -12.72
C LYS A 393 10.46 -17.88 -11.27
N LEU A 394 10.57 -16.68 -10.70
CA LEU A 394 10.23 -16.49 -9.29
C LEU A 394 8.81 -15.99 -8.99
N ALA A 395 8.27 -15.14 -9.85
CA ALA A 395 6.92 -14.62 -9.63
C ALA A 395 5.89 -15.71 -9.36
N PRO A 396 5.90 -16.80 -10.17
CA PRO A 396 4.93 -17.89 -9.96
C PRO A 396 5.02 -18.59 -8.60
N LEU A 397 6.17 -18.49 -7.94
CA LEU A 397 6.35 -19.12 -6.63
C LEU A 397 5.46 -18.52 -5.56
N ARG A 398 5.12 -17.24 -5.70
CA ARG A 398 4.26 -16.61 -4.70
C ARG A 398 2.88 -17.26 -4.72
N LYS A 399 2.53 -17.86 -5.86
CA LYS A 399 1.26 -18.56 -6.00
C LYS A 399 1.39 -20.02 -5.55
N SER A 400 2.44 -20.68 -6.03
CA SER A 400 2.62 -22.10 -5.75
C SER A 400 3.18 -22.44 -4.37
N ASN A 401 3.93 -21.54 -3.77
CA ASN A 401 4.51 -21.81 -2.46
C ASN A 401 4.09 -20.76 -1.44
N PRO A 402 3.12 -21.08 -0.57
CA PRO A 402 2.61 -20.17 0.46
C PRO A 402 3.67 -19.65 1.43
N ALA A 403 4.82 -20.31 1.50
CA ALA A 403 5.88 -19.84 2.38
C ALA A 403 6.33 -18.46 1.89
N ILE A 404 6.35 -18.28 0.57
CA ILE A 404 6.76 -17.01 -0.02
C ILE A 404 5.70 -15.95 0.19
N ALA A 405 4.44 -16.34 0.04
CA ALA A 405 3.33 -15.42 0.19
C ALA A 405 3.02 -15.04 1.63
N TYR A 406 3.09 -16.00 2.54
CA TYR A 406 2.70 -15.76 3.93
C TYR A 406 3.72 -16.13 4.99
N GLY A 407 4.85 -16.66 4.57
CA GLY A 407 5.83 -17.13 5.54
C GLY A 407 6.59 -16.13 6.38
N SER A 408 7.09 -16.63 7.50
CA SER A 408 7.93 -15.85 8.39
C SER A 408 9.26 -15.74 7.67
N THR A 409 10.17 -14.93 8.20
CA THR A 409 11.49 -14.75 7.60
C THR A 409 12.53 -14.99 8.67
N GLN A 410 13.49 -15.87 8.39
CA GLN A 410 14.55 -16.17 9.34
C GLN A 410 15.90 -16.25 8.65
N GLU A 411 16.89 -15.57 9.22
CA GLU A 411 18.25 -15.60 8.68
C GLU A 411 18.85 -16.95 9.03
N ARG A 412 19.44 -17.63 8.05
CA ARG A 412 20.03 -18.94 8.31
C ARG A 412 21.54 -18.98 8.08
N TRP A 413 22.07 -17.97 7.38
CA TRP A 413 23.51 -17.83 7.15
C TRP A 413 23.73 -16.36 6.81
N ILE A 414 24.84 -15.80 7.28
CA ILE A 414 25.11 -14.38 7.01
C ILE A 414 26.51 -13.88 7.29
N ASN A 415 26.97 -12.96 6.45
CA ASN A 415 28.23 -12.25 6.65
C ASN A 415 28.04 -10.92 5.92
N ASN A 416 29.09 -10.14 5.75
CA ASN A 416 28.94 -8.84 5.07
C ASN A 416 28.19 -8.89 3.73
N ASP A 417 28.55 -9.86 2.90
CA ASP A 417 28.02 -9.93 1.54
C ASP A 417 27.00 -11.03 1.27
N VAL A 418 26.84 -11.95 2.20
CA VAL A 418 25.95 -13.06 2.00
C VAL A 418 24.79 -13.10 2.98
N LEU A 419 23.60 -13.37 2.46
CA LEU A 419 22.43 -13.56 3.31
C LEU A 419 21.68 -14.75 2.77
N ILE A 420 21.47 -15.74 3.62
CA ILE A 420 20.67 -16.89 3.24
C ILE A 420 19.51 -16.85 4.22
N TYR A 421 18.31 -16.64 3.70
CA TYR A 421 17.14 -16.56 4.55
C TYR A 421 16.11 -17.61 4.18
N GLU A 422 15.27 -17.95 5.15
CA GLU A 422 14.25 -18.97 4.97
C GLU A 422 12.85 -18.41 5.20
N ARG A 423 11.94 -18.78 4.31
CA ARG A 423 10.54 -18.41 4.42
C ARG A 423 9.84 -19.71 4.80
N LYS A 424 8.93 -19.65 5.76
CA LYS A 424 8.23 -20.85 6.19
C LYS A 424 6.77 -20.60 6.54
N PHE A 425 5.89 -21.46 6.02
CA PHE A 425 4.45 -21.37 6.30
C PHE A 425 3.89 -22.79 6.30
N GLY A 426 3.47 -23.27 7.47
CA GLY A 426 2.97 -24.63 7.54
C GLY A 426 4.08 -25.58 7.13
N SER A 427 3.76 -26.54 6.27
CA SER A 427 4.75 -27.51 5.81
C SER A 427 5.62 -26.95 4.67
N ASN A 428 5.28 -25.75 4.21
CA ASN A 428 5.98 -25.15 3.08
C ASN A 428 7.24 -24.37 3.47
N VAL A 429 8.29 -24.54 2.68
CA VAL A 429 9.58 -23.90 2.96
C VAL A 429 10.25 -23.39 1.68
N ALA A 430 10.95 -22.26 1.81
CA ALA A 430 11.71 -21.70 0.70
C ALA A 430 12.97 -21.12 1.29
N VAL A 431 14.11 -21.46 0.71
CA VAL A 431 15.39 -20.95 1.18
C VAL A 431 16.02 -20.15 0.03
N VAL A 432 16.46 -18.94 0.33
CA VAL A 432 17.06 -18.07 -0.68
C VAL A 432 18.46 -17.65 -0.25
N ALA A 433 19.42 -17.82 -1.16
CA ALA A 433 20.80 -17.45 -0.89
C ALA A 433 21.25 -16.36 -1.84
N VAL A 434 21.81 -15.29 -1.30
CA VAL A 434 22.26 -14.18 -2.12
C VAL A 434 23.66 -13.72 -1.72
N ASN A 435 24.56 -13.67 -2.70
CA ASN A 435 25.91 -13.19 -2.49
C ASN A 435 26.08 -11.95 -3.33
N ARG A 436 25.98 -10.78 -2.71
CA ARG A 436 26.08 -9.52 -3.43
C ARG A 436 27.49 -9.23 -3.94
N ASN A 437 28.50 -9.88 -3.36
CA ASN A 437 29.88 -9.65 -3.79
C ASN A 437 30.09 -10.22 -5.18
N LEU A 438 30.19 -9.34 -6.17
CA LEU A 438 30.36 -9.75 -7.56
C LEU A 438 31.76 -10.26 -7.91
N ASN A 439 32.69 -10.18 -6.96
CA ASN A 439 34.06 -10.62 -7.24
C ASN A 439 34.53 -11.77 -6.37
N ALA A 440 33.81 -12.06 -5.29
CA ALA A 440 34.27 -13.09 -4.38
C ALA A 440 33.23 -14.14 -4.02
N PRO A 441 33.57 -15.42 -4.24
CA PRO A 441 32.66 -16.52 -3.90
C PRO A 441 32.64 -16.62 -2.38
N ALA A 442 31.73 -17.43 -1.84
CA ALA A 442 31.65 -17.64 -0.40
C ALA A 442 31.49 -19.12 -0.12
N SER A 443 32.19 -19.61 0.91
CA SER A 443 32.08 -21.01 1.30
C SER A 443 30.96 -21.13 2.31
N ILE A 444 29.88 -21.81 1.93
CA ILE A 444 28.73 -21.95 2.82
C ILE A 444 28.75 -23.31 3.50
N SER A 445 29.13 -23.31 4.77
CA SER A 445 29.15 -24.53 5.56
C SER A 445 28.39 -24.22 6.86
N GLY A 446 27.77 -25.24 7.43
CA GLY A 446 27.02 -25.04 8.66
C GLY A 446 25.62 -24.48 8.43
N LEU A 447 25.16 -24.46 7.19
CA LEU A 447 23.81 -23.96 6.91
C LEU A 447 22.77 -24.97 7.35
N VAL A 448 21.83 -24.52 8.17
CA VAL A 448 20.75 -25.37 8.65
C VAL A 448 19.43 -24.75 8.20
N THR A 449 18.54 -25.59 7.67
CA THR A 449 17.24 -25.13 7.19
C THR A 449 16.12 -26.05 7.65
N SER A 450 14.89 -25.73 7.25
CA SER A 450 13.72 -26.53 7.58
C SER A 450 13.38 -27.44 6.41
N LEU A 451 14.23 -27.46 5.40
CA LEU A 451 14.00 -28.29 4.21
C LEU A 451 14.17 -29.77 4.53
N PRO A 452 13.24 -30.61 4.07
CA PRO A 452 13.36 -32.05 4.32
C PRO A 452 14.61 -32.57 3.63
N GLN A 453 15.11 -33.72 4.07
CA GLN A 453 16.29 -34.30 3.47
C GLN A 453 16.10 -34.50 1.97
N GLY A 454 17.14 -34.24 1.20
CA GLY A 454 17.04 -34.41 -0.23
C GLY A 454 17.88 -33.42 -1.02
N SER A 455 17.80 -33.51 -2.34
CA SER A 455 18.54 -32.63 -3.23
C SER A 455 17.56 -31.64 -3.87
N TYR A 456 17.89 -30.36 -3.80
CA TYR A 456 17.02 -29.31 -4.34
C TYR A 456 17.64 -28.51 -5.47
N ASN A 457 16.94 -28.44 -6.60
CA ASN A 457 17.41 -27.68 -7.74
C ASN A 457 17.14 -26.20 -7.54
N ASP A 458 18.03 -25.37 -8.05
CA ASP A 458 17.85 -23.93 -7.97
C ASP A 458 16.67 -23.59 -8.87
N VAL A 459 15.66 -22.95 -8.32
CA VAL A 459 14.47 -22.58 -9.10
C VAL A 459 14.85 -21.66 -10.26
N LEU A 460 15.94 -20.91 -10.10
CA LEU A 460 16.42 -20.02 -11.15
C LEU A 460 17.20 -20.80 -12.22
N GLY A 461 17.38 -22.08 -12.01
CA GLY A 461 18.09 -22.91 -12.97
C GLY A 461 19.50 -22.43 -13.28
N GLY A 462 20.17 -21.87 -12.28
CA GLY A 462 21.53 -21.39 -12.51
C GLY A 462 21.61 -20.08 -13.26
N LEU A 463 20.46 -19.49 -13.58
CA LEU A 463 20.43 -18.23 -14.31
C LEU A 463 21.30 -17.17 -13.63
N LEU A 464 21.29 -17.14 -12.30
CA LEU A 464 22.09 -16.17 -11.56
C LEU A 464 23.21 -16.89 -10.82
N ASN A 465 23.79 -17.88 -11.48
CA ASN A 465 24.89 -18.67 -10.95
C ASN A 465 24.58 -19.41 -9.67
N GLY A 466 23.32 -19.76 -9.48
CA GLY A 466 22.93 -20.51 -8.29
C GLY A 466 23.39 -21.95 -8.44
N ASN A 467 23.15 -22.75 -7.42
CA ASN A 467 23.57 -24.15 -7.45
C ASN A 467 22.54 -25.05 -6.79
N THR A 468 22.75 -26.35 -6.95
CA THR A 468 21.87 -27.34 -6.32
C THR A 468 22.25 -27.42 -4.85
N LEU A 469 21.27 -27.69 -4.00
CA LEU A 469 21.51 -27.81 -2.57
C LEU A 469 21.27 -29.24 -2.14
N SER A 470 22.19 -29.77 -1.33
CA SER A 470 22.05 -31.12 -0.80
C SER A 470 21.80 -31.02 0.70
N VAL A 471 20.61 -31.46 1.12
CA VAL A 471 20.22 -31.39 2.51
C VAL A 471 20.21 -32.78 3.15
N GLY A 472 20.91 -32.92 4.26
CA GLY A 472 20.94 -34.20 4.96
C GLY A 472 19.88 -34.22 6.04
N SER A 473 20.06 -35.06 7.04
CA SER A 473 19.11 -35.15 8.14
C SER A 473 19.22 -33.87 8.97
N GLY A 474 18.16 -33.54 9.69
CA GLY A 474 18.18 -32.36 10.53
C GLY A 474 18.14 -31.07 9.74
N GLY A 475 18.02 -31.17 8.42
CA GLY A 475 17.98 -29.97 7.59
C GLY A 475 19.35 -29.33 7.38
N ALA A 476 20.41 -30.07 7.72
CA ALA A 476 21.77 -29.58 7.55
C ALA A 476 22.20 -29.70 6.09
N ALA A 477 22.63 -28.58 5.50
CA ALA A 477 23.06 -28.58 4.12
C ALA A 477 24.55 -28.93 3.98
N SER A 478 24.88 -29.69 2.94
CA SER A 478 26.27 -30.05 2.69
C SER A 478 27.03 -28.80 2.26
N ASN A 479 28.32 -28.75 2.58
CA ASN A 479 29.14 -27.60 2.21
C ASN A 479 29.01 -27.33 0.72
N PHE A 480 28.90 -26.07 0.35
CA PHE A 480 28.85 -25.70 -1.06
C PHE A 480 29.44 -24.32 -1.27
N THR A 481 29.78 -24.02 -2.50
CA THR A 481 30.32 -22.72 -2.84
C THR A 481 29.21 -21.87 -3.44
N LEU A 482 29.00 -20.69 -2.85
CA LEU A 482 28.02 -19.76 -3.40
C LEU A 482 28.85 -18.84 -4.28
N ALA A 483 28.64 -18.94 -5.58
CA ALA A 483 29.40 -18.17 -6.56
C ALA A 483 29.32 -16.67 -6.35
N ALA A 484 30.33 -15.95 -6.86
CA ALA A 484 30.34 -14.50 -6.80
C ALA A 484 29.08 -14.05 -7.53
N GLY A 485 28.34 -13.12 -6.91
CA GLY A 485 27.10 -12.65 -7.51
C GLY A 485 26.04 -13.74 -7.56
N GLY A 486 26.30 -14.84 -6.87
CA GLY A 486 25.36 -15.95 -6.87
C GLY A 486 24.04 -15.72 -6.15
N THR A 487 22.97 -16.22 -6.75
CA THR A 487 21.64 -16.12 -6.19
C THR A 487 20.94 -17.44 -6.50
N ALA A 488 20.45 -18.11 -5.46
CA ALA A 488 19.78 -19.39 -5.64
C ALA A 488 18.53 -19.46 -4.80
N VAL A 489 17.56 -20.24 -5.26
CA VAL A 489 16.30 -20.42 -4.56
C VAL A 489 15.94 -21.91 -4.51
N TRP A 490 15.80 -22.43 -3.30
CA TRP A 490 15.44 -23.82 -3.10
C TRP A 490 14.12 -23.83 -2.35
N GLN A 491 13.20 -24.69 -2.77
CA GLN A 491 11.89 -24.70 -2.12
C GLN A 491 11.23 -26.06 -2.01
N TYR A 492 10.28 -26.15 -1.09
CA TYR A 492 9.55 -27.38 -0.81
C TYR A 492 8.10 -27.06 -0.44
N THR A 493 7.17 -27.80 -1.03
CA THR A 493 5.75 -27.61 -0.71
C THR A 493 5.14 -28.96 -0.34
N ALA A 494 4.19 -28.92 0.59
CA ALA A 494 3.49 -30.13 1.02
C ALA A 494 2.22 -29.71 1.73
N ALA A 495 1.28 -30.64 1.84
CA ALA A 495 0.02 -30.37 2.51
C ALA A 495 0.27 -30.02 3.97
N THR A 496 -0.55 -29.10 4.50
CA THR A 496 -0.44 -28.70 5.90
C THR A 496 -1.61 -29.31 6.66
N ALA A 497 -1.30 -30.15 7.65
CA ALA A 497 -2.32 -30.84 8.42
C ALA A 497 -3.12 -29.95 9.36
N THR A 498 -2.44 -28.97 9.96
CA THR A 498 -3.08 -28.06 10.91
C THR A 498 -3.59 -26.78 10.24
N PRO A 499 -4.79 -26.33 10.61
CA PRO A 499 -5.32 -25.10 10.02
C PRO A 499 -4.30 -24.00 10.29
N THR A 500 -3.91 -23.27 9.25
CA THR A 500 -2.92 -22.22 9.39
C THR A 500 -3.35 -20.98 8.62
N ILE A 501 -3.48 -19.87 9.34
CA ILE A 501 -3.88 -18.60 8.73
C ILE A 501 -2.66 -17.82 8.25
N GLY A 502 -2.66 -17.44 6.98
CA GLY A 502 -1.55 -16.68 6.44
C GLY A 502 -1.91 -15.23 6.15
N HIS A 503 -3.21 -14.95 6.05
CA HIS A 503 -3.64 -13.60 5.75
C HIS A 503 -5.12 -13.39 5.99
N VAL A 504 -5.48 -12.17 6.37
CA VAL A 504 -6.86 -11.80 6.62
C VAL A 504 -7.05 -10.39 6.05
N GLY A 505 -8.16 -10.19 5.35
CA GLY A 505 -8.45 -8.89 4.77
C GLY A 505 -9.93 -8.75 4.47
N PRO A 506 -10.53 -7.57 4.68
CA PRO A 506 -9.85 -6.38 5.21
C PRO A 506 -9.61 -6.57 6.71
N MET A 507 -8.81 -5.69 7.30
CA MET A 507 -8.50 -5.78 8.73
C MET A 507 -9.28 -4.78 9.57
N MET A 508 -10.23 -4.09 8.95
CA MET A 508 -11.04 -3.10 9.66
C MET A 508 -12.40 -2.95 9.00
N ALA A 509 -13.47 -3.24 9.74
CA ALA A 509 -14.81 -3.12 9.19
C ALA A 509 -15.86 -3.31 10.27
N LYS A 510 -17.10 -2.95 9.96
CA LYS A 510 -18.20 -3.08 10.89
C LYS A 510 -18.82 -4.47 10.80
N PRO A 511 -19.63 -4.86 11.79
CA PRO A 511 -20.26 -6.18 11.76
C PRO A 511 -21.11 -6.36 10.50
N GLY A 512 -21.19 -7.59 9.99
CA GLY A 512 -21.97 -7.85 8.81
C GLY A 512 -21.13 -7.89 7.55
N VAL A 513 -20.01 -7.18 7.57
CA VAL A 513 -19.12 -7.15 6.42
C VAL A 513 -18.42 -8.50 6.30
N THR A 514 -18.17 -8.93 5.07
CA THR A 514 -17.52 -10.21 4.83
C THR A 514 -16.00 -10.05 4.72
N ILE A 515 -15.26 -10.82 5.52
CA ILE A 515 -13.80 -10.77 5.46
C ILE A 515 -13.28 -12.06 4.85
N THR A 516 -12.05 -12.00 4.33
CA THR A 516 -11.44 -13.14 3.68
C THR A 516 -10.24 -13.65 4.46
N ILE A 517 -10.32 -14.91 4.87
CA ILE A 517 -9.25 -15.55 5.63
C ILE A 517 -8.57 -16.59 4.76
N ASP A 518 -7.31 -16.34 4.41
CA ASP A 518 -6.55 -17.24 3.54
C ASP A 518 -5.43 -17.96 4.28
N GLY A 519 -5.09 -19.15 3.80
CA GLY A 519 -4.04 -19.93 4.40
C GLY A 519 -4.00 -21.34 3.85
N ARG A 520 -3.74 -22.31 4.74
CA ARG A 520 -3.69 -23.72 4.35
C ARG A 520 -4.21 -24.59 5.49
N GLY A 521 -4.64 -25.80 5.14
CA GLY A 521 -5.12 -26.74 6.14
C GLY A 521 -6.48 -26.49 6.75
N PHE A 522 -7.31 -25.66 6.12
CA PHE A 522 -8.63 -25.37 6.67
C PHE A 522 -9.57 -26.57 6.51
N GLY A 523 -9.30 -27.42 5.53
CA GLY A 523 -10.17 -28.56 5.28
C GLY A 523 -11.29 -28.12 4.35
N SER A 524 -12.04 -29.07 3.81
CA SER A 524 -13.14 -28.72 2.89
C SER A 524 -14.48 -28.52 3.59
N SER A 525 -14.63 -29.05 4.80
CA SER A 525 -15.88 -28.90 5.54
C SER A 525 -15.82 -27.67 6.45
N LYS A 526 -16.91 -26.92 6.49
CA LYS A 526 -17.01 -25.73 7.33
C LYS A 526 -16.58 -26.01 8.76
N GLY A 527 -15.73 -25.14 9.30
CA GLY A 527 -15.30 -25.29 10.67
C GLY A 527 -15.89 -24.17 11.50
N THR A 528 -15.04 -23.53 12.31
CA THR A 528 -15.50 -22.42 13.15
C THR A 528 -14.51 -21.27 13.03
N VAL A 529 -15.03 -20.05 13.12
CA VAL A 529 -14.18 -18.86 13.07
C VAL A 529 -14.34 -18.13 14.40
N TYR A 530 -13.24 -17.67 14.97
CA TYR A 530 -13.32 -16.95 16.24
C TYR A 530 -12.84 -15.51 16.15
N PHE A 531 -13.63 -14.60 16.70
CA PHE A 531 -13.27 -13.19 16.81
C PHE A 531 -13.14 -13.01 18.32
N GLY A 532 -11.90 -13.09 18.81
CA GLY A 532 -11.71 -13.04 20.24
C GLY A 532 -12.25 -14.37 20.73
N THR A 533 -13.06 -14.35 21.78
CA THR A 533 -13.66 -15.57 22.31
C THR A 533 -14.96 -15.94 21.58
N THR A 534 -15.51 -14.99 20.83
CA THR A 534 -16.77 -15.23 20.11
C THR A 534 -16.61 -16.22 18.96
N ALA A 535 -17.49 -17.22 18.93
CA ALA A 535 -17.46 -18.24 17.90
C ALA A 535 -18.50 -18.01 16.82
N VAL A 536 -18.08 -18.17 15.57
CA VAL A 536 -18.96 -18.01 14.42
C VAL A 536 -18.89 -19.31 13.61
N SER A 537 -20.05 -19.86 13.26
CA SER A 537 -20.12 -21.08 12.47
C SER A 537 -21.45 -21.11 11.72
N GLY A 538 -21.59 -22.06 10.81
CA GLY A 538 -22.84 -22.15 10.07
C GLY A 538 -23.00 -21.12 8.97
N ALA A 539 -24.22 -20.63 8.82
CA ALA A 539 -24.60 -19.70 7.76
C ALA A 539 -23.73 -18.44 7.58
N ASP A 540 -23.30 -17.82 8.67
CA ASP A 540 -22.49 -16.62 8.54
C ASP A 540 -21.12 -16.87 7.91
N ILE A 541 -20.73 -18.14 7.85
CA ILE A 541 -19.51 -18.49 7.14
C ILE A 541 -20.03 -18.76 5.73
N THR A 542 -19.97 -17.74 4.88
CA THR A 542 -20.49 -17.82 3.53
C THR A 542 -19.92 -18.97 2.72
N SER A 543 -18.61 -19.17 2.80
CA SER A 543 -17.97 -20.26 2.06
C SER A 543 -16.71 -20.68 2.80
N TRP A 544 -16.33 -21.93 2.62
CA TRP A 544 -15.17 -22.48 3.30
C TRP A 544 -14.51 -23.57 2.46
N GLU A 545 -13.21 -23.42 2.22
CA GLU A 545 -12.44 -24.44 1.53
C GLU A 545 -11.02 -24.42 2.12
N ASP A 546 -10.18 -25.36 1.70
CA ASP A 546 -8.86 -25.48 2.30
C ASP A 546 -7.99 -24.24 2.39
N THR A 547 -7.99 -23.39 1.37
CA THR A 547 -7.13 -22.22 1.40
C THR A 547 -7.84 -20.89 1.65
N GLN A 548 -9.17 -20.90 1.65
CA GLN A 548 -9.90 -19.66 1.84
C GLN A 548 -11.26 -19.78 2.54
N ILE A 549 -11.52 -18.82 3.42
CA ILE A 549 -12.77 -18.76 4.17
C ILE A 549 -13.37 -17.37 3.99
N LYS A 550 -14.68 -17.33 3.74
CA LYS A 550 -15.40 -16.06 3.63
C LYS A 550 -16.37 -16.09 4.80
N VAL A 551 -16.27 -15.09 5.68
CA VAL A 551 -17.11 -15.06 6.86
C VAL A 551 -17.53 -13.65 7.24
N LYS A 552 -18.78 -13.52 7.68
CA LYS A 552 -19.32 -12.23 8.10
C LYS A 552 -18.88 -11.89 9.52
N ILE A 553 -18.49 -10.64 9.72
CA ILE A 553 -18.07 -10.18 11.03
C ILE A 553 -19.29 -10.19 11.96
N PRO A 554 -19.19 -10.88 13.10
CA PRO A 554 -20.30 -10.94 14.05
C PRO A 554 -20.55 -9.60 14.72
N ALA A 555 -21.76 -9.40 15.22
CA ALA A 555 -22.12 -8.16 15.89
C ALA A 555 -21.52 -8.11 17.30
N VAL A 556 -20.22 -7.89 17.39
CA VAL A 556 -19.56 -7.76 18.69
C VAL A 556 -19.25 -6.29 18.87
N ALA A 557 -18.94 -5.89 20.11
CA ALA A 557 -18.63 -4.50 20.41
C ALA A 557 -17.40 -4.05 19.63
N GLY A 558 -17.36 -2.77 19.26
CA GLY A 558 -16.20 -2.27 18.54
C GLY A 558 -14.95 -2.54 19.36
N GLY A 559 -13.86 -2.86 18.68
CA GLY A 559 -12.63 -3.14 19.39
C GLY A 559 -11.64 -3.92 18.54
N ASN A 560 -10.53 -4.30 19.15
CA ASN A 560 -9.47 -5.04 18.47
C ASN A 560 -9.57 -6.51 18.85
N TYR A 561 -9.65 -7.38 17.85
CA TYR A 561 -9.81 -8.82 18.10
C TYR A 561 -8.77 -9.72 17.42
N ASN A 562 -8.53 -10.87 18.04
CA ASN A 562 -7.64 -11.87 17.48
C ASN A 562 -8.52 -12.79 16.64
N ILE A 563 -8.06 -13.09 15.41
CA ILE A 563 -8.82 -13.98 14.54
C ILE A 563 -8.19 -15.36 14.58
N LYS A 564 -9.03 -16.38 14.67
CA LYS A 564 -8.56 -17.75 14.72
C LYS A 564 -9.64 -18.64 14.10
N VAL A 565 -9.24 -19.80 13.58
CA VAL A 565 -10.21 -20.74 13.02
C VAL A 565 -9.90 -22.13 13.53
N ALA A 566 -10.86 -23.04 13.34
CA ALA A 566 -10.71 -24.44 13.72
C ALA A 566 -11.36 -25.25 12.62
N ASN A 567 -10.76 -26.36 12.23
CA ASN A 567 -11.36 -27.17 11.19
C ASN A 567 -12.59 -27.87 11.76
N ALA A 568 -13.27 -28.66 10.93
CA ALA A 568 -14.48 -29.36 11.34
C ALA A 568 -14.24 -30.28 12.52
N ALA A 569 -13.01 -30.76 12.67
CA ALA A 569 -12.65 -31.65 13.76
C ALA A 569 -12.36 -30.91 15.06
N GLY A 570 -12.28 -29.59 14.99
CA GLY A 570 -12.03 -28.81 16.19
C GLY A 570 -10.59 -28.42 16.45
N THR A 571 -9.69 -28.72 15.51
CA THR A 571 -8.29 -28.37 15.68
C THR A 571 -8.12 -26.88 15.38
N ALA A 572 -7.61 -26.13 16.35
CA ALA A 572 -7.44 -24.68 16.23
C ALA A 572 -6.19 -24.27 15.47
N SER A 573 -6.28 -23.13 14.80
CA SER A 573 -5.17 -22.59 14.01
C SER A 573 -4.39 -21.58 14.83
N ASN A 574 -3.40 -20.97 14.19
CA ASN A 574 -2.60 -19.91 14.82
C ASN A 574 -3.50 -18.68 14.88
N VAL A 575 -3.08 -17.69 15.65
CA VAL A 575 -3.86 -16.46 15.81
C VAL A 575 -3.36 -15.35 14.89
N TYR A 576 -4.30 -14.69 14.22
CA TYR A 576 -3.99 -13.55 13.36
C TYR A 576 -4.62 -12.38 14.10
N ASP A 577 -3.77 -11.57 14.72
CA ASP A 577 -4.24 -10.47 15.57
C ASP A 577 -4.46 -9.13 14.89
N ASN A 578 -4.84 -8.17 15.71
CA ASN A 578 -5.04 -6.78 15.29
C ASN A 578 -6.21 -6.53 14.33
N PHE A 579 -7.27 -7.32 14.46
CA PHE A 579 -8.44 -7.08 13.61
C PHE A 579 -9.31 -6.05 14.31
N GLU A 580 -9.68 -4.99 13.60
CA GLU A 580 -10.50 -3.97 14.21
C GLU A 580 -11.96 -4.02 13.78
N VAL A 581 -12.83 -4.28 14.74
CA VAL A 581 -14.26 -4.28 14.49
C VAL A 581 -14.71 -2.85 14.77
N LEU A 582 -15.29 -2.19 13.77
CA LEU A 582 -15.76 -0.82 13.94
C LEU A 582 -17.10 -0.84 14.69
N SER A 583 -17.46 0.29 15.28
CA SER A 583 -18.72 0.39 16.02
C SER A 583 -19.89 0.68 15.09
N GLY A 584 -19.58 0.85 13.80
CA GLY A 584 -20.61 1.13 12.81
C GLY A 584 -20.01 1.90 11.63
N ASP A 585 -20.86 2.47 10.78
CA ASP A 585 -20.38 3.27 9.66
C ASP A 585 -19.60 4.44 10.29
N GLN A 586 -18.65 4.99 9.54
CA GLN A 586 -17.81 6.06 10.07
C GLN A 586 -17.99 7.42 9.39
N VAL A 587 -17.79 8.47 10.17
CA VAL A 587 -17.79 9.83 9.67
C VAL A 587 -16.55 10.48 10.27
N SER A 588 -15.99 11.45 9.55
CA SER A 588 -14.80 12.15 10.03
C SER A 588 -15.21 13.42 10.78
N VAL A 589 -14.89 13.48 12.07
CA VAL A 589 -15.25 14.62 12.90
C VAL A 589 -14.01 15.32 13.44
N ARG A 590 -14.01 16.65 13.36
CA ARG A 590 -12.90 17.43 13.87
C ARG A 590 -13.17 17.85 15.31
N PHE A 591 -12.26 17.49 16.21
CA PHE A 591 -12.38 17.88 17.60
C PHE A 591 -11.45 19.05 17.86
N VAL A 592 -11.98 20.07 18.52
CA VAL A 592 -11.19 21.24 18.86
C VAL A 592 -11.33 21.49 20.36
N VAL A 593 -10.20 21.61 21.04
CA VAL A 593 -10.21 21.88 22.48
C VAL A 593 -9.46 23.17 22.74
N ASN A 594 -10.12 24.11 23.41
CA ASN A 594 -9.52 25.41 23.67
C ASN A 594 -8.85 25.54 25.04
N ASN A 595 -7.80 26.36 25.08
CA ASN A 595 -7.09 26.65 26.31
C ASN A 595 -6.55 25.44 27.05
N ALA A 596 -5.84 24.58 26.32
CA ALA A 596 -5.24 23.40 26.92
C ALA A 596 -3.74 23.66 26.94
N THR A 597 -3.27 24.34 27.99
CA THR A 597 -1.85 24.67 28.09
C THR A 597 -1.02 23.46 28.46
N THR A 598 0.19 23.41 27.94
CA THR A 598 1.08 22.29 28.19
C THR A 598 2.53 22.71 28.33
N ALA A 599 3.36 21.78 28.80
CA ALA A 599 4.78 22.00 28.92
C ALA A 599 5.41 21.36 27.70
N LEU A 600 6.58 21.83 27.29
CA LEU A 600 7.26 21.27 26.14
C LEU A 600 7.40 19.75 26.25
N GLY A 601 6.97 19.04 25.22
CA GLY A 601 7.04 17.59 25.23
C GLY A 601 5.71 16.95 25.61
N GLN A 602 4.87 17.73 26.29
CA GLN A 602 3.55 17.29 26.71
C GLN A 602 2.56 17.63 25.60
N ASN A 603 1.68 16.67 25.27
CA ASN A 603 0.71 16.88 24.20
C ASN A 603 -0.71 16.51 24.59
N VAL A 604 -1.68 17.09 23.88
CA VAL A 604 -3.08 16.81 24.15
C VAL A 604 -3.58 15.66 23.29
N TYR A 605 -4.36 14.78 23.90
CA TYR A 605 -4.93 13.62 23.21
C TYR A 605 -6.43 13.58 23.48
N LEU A 606 -7.14 12.79 22.68
CA LEU A 606 -8.58 12.64 22.82
C LEU A 606 -8.95 11.21 23.22
N THR A 607 -9.82 11.09 24.22
CA THR A 607 -10.28 9.79 24.67
C THR A 607 -11.81 9.85 24.80
N GLY A 608 -12.46 8.70 24.67
CA GLY A 608 -13.92 8.68 24.72
C GLY A 608 -14.57 7.33 24.91
N SER A 609 -15.90 7.32 24.88
CA SER A 609 -16.72 6.14 25.16
C SER A 609 -16.96 5.12 24.05
N VAL A 610 -16.16 5.15 22.99
CA VAL A 610 -16.29 4.17 21.91
C VAL A 610 -14.89 3.69 21.55
N SER A 611 -14.79 2.48 20.97
CA SER A 611 -13.49 1.93 20.61
C SER A 611 -12.73 2.87 19.68
N GLU A 612 -13.47 3.59 18.83
CA GLU A 612 -12.84 4.53 17.91
C GLU A 612 -12.09 5.64 18.67
N LEU A 613 -12.39 5.80 19.95
CA LEU A 613 -11.70 6.78 20.77
C LEU A 613 -10.96 6.08 21.91
N GLY A 614 -10.76 4.77 21.75
CA GLY A 614 -10.00 4.00 22.72
C GLY A 614 -10.70 3.57 23.99
N ASN A 615 -12.01 3.78 24.06
CA ASN A 615 -12.78 3.41 25.24
C ASN A 615 -12.12 3.80 26.57
N TRP A 616 -11.79 5.09 26.69
CA TRP A 616 -11.20 5.64 27.91
C TRP A 616 -9.81 5.16 28.30
N ASP A 617 -9.17 4.38 27.46
CA ASP A 617 -7.82 3.89 27.75
C ASP A 617 -6.79 4.89 27.18
N PRO A 618 -6.10 5.63 28.06
CA PRO A 618 -5.11 6.61 27.62
C PRO A 618 -4.08 6.07 26.64
N ALA A 619 -3.73 4.78 26.79
CA ALA A 619 -2.76 4.14 25.91
C ALA A 619 -3.27 4.09 24.47
N LYS A 620 -4.58 4.23 24.30
CA LYS A 620 -5.19 4.19 22.98
C LYS A 620 -5.88 5.50 22.62
N ALA A 621 -5.47 6.58 23.28
CA ALA A 621 -6.05 7.90 23.04
C ALA A 621 -5.64 8.40 21.66
N ILE A 622 -6.50 9.22 21.07
CA ILE A 622 -6.25 9.77 19.74
C ILE A 622 -5.32 10.97 19.78
N GLY A 623 -4.28 10.93 18.96
CA GLY A 623 -3.33 12.02 18.92
C GLY A 623 -1.91 11.51 18.77
N PRO A 624 -0.89 12.33 19.09
CA PRO A 624 -0.99 13.71 19.58
C PRO A 624 -1.74 14.68 18.67
N MET A 625 -2.59 15.52 19.27
CA MET A 625 -3.36 16.50 18.50
C MET A 625 -2.47 17.61 17.94
N TYR A 626 -3.02 18.40 17.03
CA TYR A 626 -2.27 19.48 16.38
C TYR A 626 -2.58 20.84 16.99
N ASN A 627 -1.66 21.80 16.83
CA ASN A 627 -1.85 23.14 17.39
C ASN A 627 -1.13 24.27 16.66
N GLN A 628 -0.90 24.11 15.36
CA GLN A 628 -0.19 25.15 14.62
C GLN A 628 -0.93 25.77 13.42
N VAL A 629 -1.34 24.94 12.46
CA VAL A 629 -1.96 25.45 11.23
C VAL A 629 -3.42 25.90 11.29
N VAL A 630 -4.36 24.96 11.38
CA VAL A 630 -5.78 25.32 11.40
C VAL A 630 -6.15 26.10 12.66
N TYR A 631 -5.68 25.64 13.81
CA TYR A 631 -5.91 26.33 15.07
C TYR A 631 -4.53 26.50 15.72
N GLN A 632 -4.39 27.50 16.60
CA GLN A 632 -3.09 27.73 17.24
C GLN A 632 -3.11 27.48 18.74
N TYR A 633 -2.00 26.95 19.26
CA TYR A 633 -1.83 26.71 20.68
C TYR A 633 -2.17 28.03 21.40
N PRO A 634 -2.77 27.95 22.60
CA PRO A 634 -3.17 26.79 23.40
C PRO A 634 -4.41 26.01 22.95
N ASN A 635 -4.83 26.20 21.70
CA ASN A 635 -5.98 25.46 21.17
C ASN A 635 -5.43 24.33 20.33
N TRP A 636 -6.05 23.15 20.44
CA TRP A 636 -5.60 21.96 19.71
C TRP A 636 -6.74 21.38 18.90
N TYR A 637 -6.41 20.69 17.81
CA TYR A 637 -7.43 20.08 16.97
C TYR A 637 -6.96 18.78 16.34
N TYR A 638 -7.91 17.95 15.93
CA TYR A 638 -7.60 16.68 15.28
C TYR A 638 -8.83 16.14 14.59
N ASP A 639 -8.62 15.50 13.44
CA ASP A 639 -9.72 14.91 12.68
C ASP A 639 -9.78 13.43 13.01
N VAL A 640 -10.97 12.97 13.41
CA VAL A 640 -11.13 11.61 13.90
C VAL A 640 -12.28 10.82 13.28
N SER A 641 -12.02 9.56 12.96
CA SER A 641 -13.04 8.68 12.42
C SER A 641 -13.86 8.14 13.59
N VAL A 642 -15.16 8.45 13.60
CA VAL A 642 -16.04 8.00 14.67
C VAL A 642 -17.32 7.41 14.08
N PRO A 643 -18.00 6.54 14.85
CA PRO A 643 -19.24 5.92 14.36
C PRO A 643 -20.37 6.91 14.13
N ALA A 644 -20.92 6.88 12.93
CA ALA A 644 -22.00 7.79 12.53
C ALA A 644 -23.24 7.71 13.41
N GLY A 645 -23.80 8.87 13.73
CA GLY A 645 -25.02 8.94 14.51
C GLY A 645 -24.98 8.53 15.97
N LYS A 646 -23.82 8.12 16.46
CA LYS A 646 -23.69 7.68 17.85
C LYS A 646 -23.50 8.85 18.80
N THR A 647 -24.10 8.75 19.99
CA THR A 647 -23.90 9.77 21.00
C THR A 647 -22.65 9.34 21.76
N ILE A 648 -21.65 10.21 21.77
CA ILE A 648 -20.37 9.87 22.37
C ILE A 648 -19.95 10.80 23.50
N GLU A 649 -19.41 10.22 24.56
CA GLU A 649 -18.89 11.02 25.66
C GLU A 649 -17.38 11.01 25.50
N PHE A 650 -16.74 12.14 25.75
CA PHE A 650 -15.30 12.22 25.59
C PHE A 650 -14.65 13.23 26.51
N LYS A 651 -13.33 13.14 26.59
CA LYS A 651 -12.51 14.04 27.39
C LYS A 651 -11.16 14.16 26.70
N PHE A 652 -10.41 15.19 27.06
CA PHE A 652 -9.09 15.37 26.50
C PHE A 652 -8.07 15.05 27.57
N LEU A 653 -6.87 14.68 27.14
CA LEU A 653 -5.80 14.32 28.06
C LEU A 653 -4.53 15.08 27.69
N LYS A 654 -3.68 15.29 28.68
CA LYS A 654 -2.37 15.87 28.44
C LYS A 654 -1.41 14.76 28.81
N LYS A 655 -0.62 14.33 27.85
CA LYS A 655 0.32 13.23 28.08
C LYS A 655 1.78 13.60 27.88
N GLN A 656 2.60 13.15 28.82
CA GLN A 656 4.04 13.32 28.80
C GLN A 656 4.50 11.88 28.91
N GLY A 657 4.92 11.30 27.80
CA GLY A 657 5.27 9.89 27.83
C GLY A 657 3.95 9.18 28.11
N SER A 658 3.93 8.25 29.05
CA SER A 658 2.68 7.57 29.38
C SER A 658 2.02 8.17 30.62
N THR A 659 2.57 9.28 31.09
CA THR A 659 2.01 9.98 32.26
C THR A 659 0.83 10.80 31.78
N VAL A 660 -0.32 10.63 32.44
CA VAL A 660 -1.57 11.26 32.01
C VAL A 660 -2.23 12.22 32.99
N THR A 661 -2.72 13.33 32.46
CA THR A 661 -3.45 14.34 33.23
C THR A 661 -4.82 14.48 32.57
N TRP A 662 -5.87 14.21 33.32
CA TRP A 662 -7.25 14.28 32.79
C TRP A 662 -7.94 15.62 32.97
N GLU A 663 -8.83 15.92 32.03
CA GLU A 663 -9.69 17.09 32.13
C GLU A 663 -10.49 16.84 33.39
N GLY A 664 -10.83 17.91 34.11
CA GLY A 664 -11.67 17.74 35.29
C GLY A 664 -13.11 17.77 34.84
N GLY A 665 -14.03 17.85 35.80
CA GLY A 665 -15.44 17.93 35.46
C GLY A 665 -16.07 16.70 34.83
N SER A 666 -17.27 16.90 34.27
CA SER A 666 -18.02 15.83 33.62
C SER A 666 -17.54 15.64 32.19
N ASN A 667 -17.82 14.48 31.63
CA ASN A 667 -17.42 14.20 30.25
C ASN A 667 -18.12 15.17 29.32
N HIS A 668 -17.50 15.41 28.17
CA HIS A 668 -18.12 16.25 27.15
C HIS A 668 -19.01 15.27 26.40
N THR A 669 -20.00 15.77 25.68
CA THR A 669 -20.89 14.89 24.93
C THR A 669 -21.30 15.52 23.63
N PHE A 670 -21.51 14.68 22.63
CA PHE A 670 -21.99 15.13 21.33
C PHE A 670 -22.51 13.91 20.60
N THR A 671 -23.22 14.16 19.51
CA THR A 671 -23.75 13.08 18.70
C THR A 671 -23.17 13.26 17.31
N ALA A 672 -22.50 12.23 16.81
CA ALA A 672 -21.87 12.30 15.50
C ALA A 672 -22.92 12.37 14.39
N PRO A 673 -22.60 13.05 13.28
CA PRO A 673 -23.52 13.17 12.15
C PRO A 673 -23.78 11.80 11.52
N SER A 674 -24.88 11.69 10.78
CA SER A 674 -25.24 10.43 10.12
C SER A 674 -24.44 10.26 8.83
N SER A 675 -23.93 11.37 8.31
CA SER A 675 -23.10 11.36 7.11
C SER A 675 -22.44 12.74 7.02
N GLY A 676 -21.41 12.85 6.19
CA GLY A 676 -20.72 14.12 6.07
C GLY A 676 -19.83 14.34 7.29
N THR A 677 -19.38 15.57 7.49
CA THR A 677 -18.49 15.88 8.60
C THR A 677 -19.14 16.75 9.67
N ALA A 678 -18.35 17.10 10.68
CA ALA A 678 -18.80 17.94 11.78
C ALA A 678 -17.57 18.43 12.54
N THR A 679 -17.75 19.49 13.30
CA THR A 679 -16.67 20.05 14.11
C THR A 679 -17.20 20.27 15.52
N ILE A 680 -16.57 19.64 16.49
CA ILE A 680 -16.95 19.75 17.89
C ILE A 680 -15.91 20.62 18.59
N ASN A 681 -16.32 21.82 18.99
CA ASN A 681 -15.42 22.76 19.64
C ASN A 681 -15.78 22.96 21.10
N VAL A 682 -14.88 22.58 22.01
CA VAL A 682 -15.13 22.74 23.44
C VAL A 682 -13.91 23.32 24.17
N ASN A 683 -14.10 23.64 25.45
CA ASN A 683 -13.02 24.19 26.27
C ASN A 683 -12.43 23.15 27.20
N TRP A 684 -11.12 23.21 27.41
CA TRP A 684 -10.47 22.30 28.34
C TRP A 684 -11.03 22.57 29.74
N GLN A 685 -11.48 21.52 30.40
CA GLN A 685 -12.03 21.64 31.75
C GLN A 685 -10.98 21.26 32.78
N PRO A 686 -10.57 22.21 33.64
CA PRO A 686 -9.58 21.95 34.67
C PRO A 686 -10.07 20.96 35.72
#